data_4K68
#
_entry.id   4K68
#
_cell.length_a   41.877
_cell.length_b   116.442
_cell.length_c   82.811
_cell.angle_alpha   90.00
_cell.angle_beta   99.85
_cell.angle_gamma   90.00
#
_symmetry.space_group_name_H-M   'P 1 21 1'
#
loop_
_entity.id
_entity.type
_entity.pdbx_description
1 polymer 'GH10 xylanase'
2 non-polymer GLYCEROL
3 water water
#
_entity_poly.entity_id   1
_entity_poly.type   'polypeptide(L)'
_entity_poly.pdbx_seq_one_letter_code
;MSISRRLFLRNAALSAALLSIKGQAIAKAAERTGIKDFYKDDFRIGTAVATATLTMKEKKPLLALIAREFNAITPENCMK
WEPLKPQDKDWHWEAADKFVEFGEKHKMYIVGHNLVWHSQVPKEVFLNESGGTISKEALTAKMQDHIATLAGRYKGRIQA
WDVVNEAVEDDGSWRKSPWYNIMGEDFIAKAFTMAHEVDPKAHLIYNDYNTESPIKRNFIVGMIKNFKKQGVPIHGVGMQ
EHLAIDGPSVDEIEKTLIALADAGVRAHITELDIDVLPSVWNLPTAEVSTRFEYKPERDPYIQGLPKDMEEKLAKRYEDI
FKIYLKHRDKIERVTLWGTADNETWLNDFPIKGRTNYPLLFDRNQKPKPAYFRLLDLKK
;
_entity_poly.pdbx_strand_id   A,B
#
# COMPACT_ATOMS: atom_id res chain seq x y z
N ARG A 32 -6.03 6.58 39.75
CA ARG A 32 -6.06 6.69 38.30
C ARG A 32 -5.09 7.77 37.83
N THR A 33 -3.80 7.49 37.95
CA THR A 33 -2.76 8.48 37.68
C THR A 33 -2.11 8.32 36.30
N GLY A 34 -1.77 7.09 35.93
CA GLY A 34 -1.09 6.84 34.69
C GLY A 34 -2.00 6.33 33.58
N ILE A 35 -1.49 6.31 32.36
CA ILE A 35 -2.26 5.88 31.20
C ILE A 35 -2.67 4.40 31.33
N LYS A 36 -1.91 3.65 32.12
CA LYS A 36 -2.20 2.25 32.38
C LYS A 36 -3.53 2.10 33.12
N ASP A 37 -3.85 3.06 33.98
CA ASP A 37 -5.07 3.00 34.77
C ASP A 37 -6.29 3.33 33.93
N PHE A 38 -6.08 4.12 32.88
CA PHE A 38 -7.15 4.48 31.96
C PHE A 38 -7.49 3.31 31.05
N TYR A 39 -6.51 2.43 30.82
CA TYR A 39 -6.69 1.35 29.86
C TYR A 39 -6.76 -0.04 30.48
N LYS A 40 -6.90 -0.12 31.80
CA LYS A 40 -7.19 -1.40 32.42
C LYS A 40 -8.61 -1.80 32.04
N ASP A 41 -8.91 -3.09 32.20
CA ASP A 41 -10.15 -3.70 31.71
C ASP A 41 -10.19 -3.79 30.19
N ASP A 42 -9.16 -3.26 29.54
CA ASP A 42 -9.02 -3.37 28.10
C ASP A 42 -7.76 -4.16 27.76
N PHE A 43 -6.61 -3.53 27.96
CA PHE A 43 -5.33 -4.17 27.72
C PHE A 43 -4.22 -3.42 28.45
N ARG A 44 -3.10 -4.09 28.70
CA ARG A 44 -2.02 -3.49 29.44
C ARG A 44 -1.19 -2.55 28.56
N ILE A 45 -0.83 -1.40 29.12
CA ILE A 45 -0.01 -0.43 28.41
C ILE A 45 1.46 -0.58 28.81
N GLY A 46 2.30 -0.92 27.85
CA GLY A 46 3.70 -1.17 28.13
C GLY A 46 4.66 -0.26 27.40
N THR A 47 5.93 -0.36 27.77
CA THR A 47 6.98 0.42 27.13
C THR A 47 8.28 -0.38 27.07
N ALA A 48 9.25 0.12 26.31
CA ALA A 48 10.53 -0.56 26.18
C ALA A 48 11.59 0.08 27.07
N VAL A 49 12.32 -0.76 27.80
CA VAL A 49 13.33 -0.28 28.74
C VAL A 49 14.74 -0.50 28.21
N ALA A 50 15.49 0.58 28.09
CA ALA A 50 16.87 0.51 27.61
C ALA A 50 17.81 0.05 28.73
N THR A 51 18.96 -0.49 28.34
CA THR A 51 19.93 -0.98 29.31
C THR A 51 20.54 0.16 30.13
N ALA A 52 20.75 1.29 29.48
CA ALA A 52 21.35 2.45 30.13
C ALA A 52 20.46 2.99 31.25
N THR A 53 19.15 2.83 31.10
CA THR A 53 18.20 3.29 32.09
C THR A 53 18.33 2.49 33.39
N LEU A 54 18.80 1.25 33.26
CA LEU A 54 18.93 0.35 34.41
C LEU A 54 20.30 0.46 35.07
N THR A 55 21.31 0.81 34.29
CA THR A 55 22.69 0.83 34.80
C THR A 55 23.22 2.24 35.04
N MET A 56 22.33 3.23 35.05
CA MET A 56 22.73 4.61 35.33
C MET A 56 21.80 5.25 36.35
N LYS A 57 22.40 5.88 37.36
CA LYS A 57 21.64 6.48 38.44
C LYS A 57 21.05 7.83 38.05
N GLU A 58 21.49 8.36 36.92
CA GLU A 58 20.97 9.64 36.43
C GLU A 58 19.75 9.42 35.54
N LYS A 59 19.41 8.16 35.30
CA LYS A 59 18.24 7.81 34.52
C LYS A 59 17.11 7.37 35.44
N LYS A 60 17.25 7.69 36.73
CA LYS A 60 16.22 7.40 37.72
C LYS A 60 14.84 8.05 37.47
N PRO A 61 14.81 9.33 37.05
CA PRO A 61 13.50 9.92 36.75
C PRO A 61 12.75 9.17 35.64
N LEU A 62 13.48 8.59 34.71
CA LEU A 62 12.86 7.82 33.63
C LEU A 62 12.20 6.55 34.19
N LEU A 63 12.89 5.90 35.13
CA LEU A 63 12.38 4.71 35.78
C LEU A 63 11.09 5.01 36.54
N ALA A 64 11.08 6.13 37.26
CA ALA A 64 9.90 6.54 38.00
C ALA A 64 8.76 6.92 37.05
N LEU A 65 9.11 7.50 35.91
CA LEU A 65 8.13 7.87 34.90
C LEU A 65 7.47 6.64 34.30
N ILE A 66 8.25 5.59 34.11
CA ILE A 66 7.74 4.33 33.57
C ILE A 66 6.79 3.67 34.57
N ALA A 67 7.19 3.66 35.83
CA ALA A 67 6.40 3.05 36.90
C ALA A 67 5.05 3.73 37.08
N ARG A 68 4.98 5.02 36.77
CA ARG A 68 3.75 5.77 36.91
C ARG A 68 2.79 5.54 35.75
N GLU A 69 3.33 5.32 34.56
CA GLU A 69 2.53 5.30 33.34
C GLU A 69 2.25 3.91 32.79
N PHE A 70 3.19 2.99 32.94
CA PHE A 70 3.08 1.68 32.30
C PHE A 70 2.95 0.52 33.28
N ASN A 71 2.24 -0.53 32.85
CA ASN A 71 2.07 -1.72 33.66
C ASN A 71 2.71 -2.96 33.01
N ALA A 72 3.58 -2.71 32.03
CA ALA A 72 4.28 -3.78 31.34
C ALA A 72 5.60 -3.26 30.79
N ILE A 73 6.62 -4.11 30.79
CA ILE A 73 7.95 -3.69 30.32
C ILE A 73 8.59 -4.72 29.39
N THR A 74 9.44 -4.23 28.50
CA THR A 74 10.14 -5.06 27.53
C THR A 74 11.59 -4.59 27.42
N PRO A 75 12.55 -5.51 27.53
CA PRO A 75 13.95 -5.13 27.44
C PRO A 75 14.35 -4.84 25.99
N GLU A 76 14.98 -3.70 25.76
CA GLU A 76 15.35 -3.30 24.40
C GLU A 76 16.46 -4.17 23.83
N ASN A 77 17.46 -4.50 24.64
CA ASN A 77 18.61 -5.24 24.15
C ASN A 77 19.23 -6.23 25.13
N CYS A 78 18.98 -6.02 26.43
CA CYS A 78 19.68 -6.78 27.46
C CYS A 78 19.32 -8.28 27.50
N MET A 79 18.26 -8.66 26.81
CA MET A 79 17.86 -10.06 26.76
C MET A 79 18.04 -10.68 25.38
N LYS A 80 18.77 -10.00 24.51
CA LYS A 80 19.11 -10.56 23.19
C LYS A 80 20.36 -11.41 23.32
N TRP A 81 20.57 -12.32 22.37
CA TRP A 81 21.66 -13.29 22.44
C TRP A 81 23.03 -12.66 22.62
N GLU A 82 23.42 -11.81 21.67
CA GLU A 82 24.74 -11.16 21.71
C GLU A 82 24.99 -10.27 22.95
N PRO A 83 24.07 -9.36 23.29
CA PRO A 83 24.33 -8.53 24.46
C PRO A 83 24.32 -9.30 25.79
N LEU A 84 23.62 -10.43 25.82
CA LEU A 84 23.50 -11.22 27.05
C LEU A 84 24.56 -12.31 27.11
N LYS A 85 25.03 -12.75 25.94
CA LYS A 85 26.02 -13.81 25.87
C LYS A 85 26.91 -13.63 24.65
N PRO A 86 27.87 -12.68 24.74
CA PRO A 86 28.75 -12.36 23.62
C PRO A 86 29.65 -13.55 23.25
N GLN A 87 29.74 -13.84 21.96
CA GLN A 87 30.52 -14.96 21.44
C GLN A 87 30.03 -16.31 21.98
N ASP A 88 28.80 -16.32 22.48
CA ASP A 88 28.17 -17.51 23.05
C ASP A 88 29.04 -18.16 24.14
N LYS A 89 29.71 -17.33 24.93
CA LYS A 89 30.59 -17.80 25.99
C LYS A 89 30.00 -17.58 27.38
N ASP A 90 30.48 -16.56 28.08
CA ASP A 90 30.00 -16.25 29.42
C ASP A 90 28.76 -15.37 29.38
N TRP A 91 27.82 -15.64 30.28
CA TRP A 91 26.59 -14.87 30.37
C TRP A 91 26.81 -13.52 31.04
N HIS A 92 25.91 -12.58 30.77
CA HIS A 92 25.93 -11.27 31.40
C HIS A 92 24.57 -10.99 32.03
N TRP A 93 24.24 -11.73 33.08
CA TRP A 93 22.91 -11.67 33.70
C TRP A 93 22.60 -10.34 34.39
N GLU A 94 23.64 -9.55 34.67
CA GLU A 94 23.49 -8.35 35.48
C GLU A 94 22.44 -7.36 34.96
N ALA A 95 22.55 -6.99 33.69
CA ALA A 95 21.62 -6.03 33.09
C ALA A 95 20.19 -6.56 33.08
N ALA A 96 20.04 -7.84 32.77
CA ALA A 96 18.73 -8.48 32.68
C ALA A 96 18.10 -8.68 34.06
N ASP A 97 18.92 -8.94 35.06
CA ASP A 97 18.45 -9.13 36.43
C ASP A 97 17.82 -7.85 36.97
N LYS A 98 18.47 -6.71 36.69
CA LYS A 98 17.98 -5.43 37.15
C LYS A 98 16.69 -5.05 36.45
N PHE A 99 16.46 -5.63 35.27
CA PHE A 99 15.23 -5.41 34.52
C PHE A 99 14.07 -6.15 35.16
N VAL A 100 14.26 -7.46 35.39
CA VAL A 100 13.23 -8.29 35.98
C VAL A 100 12.88 -7.84 37.40
N GLU A 101 13.90 -7.46 38.15
CA GLU A 101 13.71 -6.98 39.51
C GLU A 101 12.89 -5.69 39.53
N PHE A 102 13.11 -4.84 38.54
CA PHE A 102 12.35 -3.60 38.42
C PHE A 102 10.88 -3.87 38.15
N GLY A 103 10.62 -4.90 37.36
CA GLY A 103 9.26 -5.28 37.02
C GLY A 103 8.48 -5.81 38.21
N GLU A 104 9.11 -6.72 38.96
CA GLU A 104 8.47 -7.31 40.14
C GLU A 104 8.32 -6.28 41.25
N LYS A 105 9.18 -5.27 41.22
CA LYS A 105 9.18 -4.21 42.23
C LYS A 105 7.95 -3.32 42.07
N HIS A 106 7.36 -3.34 40.87
CA HIS A 106 6.17 -2.54 40.61
C HIS A 106 5.02 -3.39 40.06
N LYS A 107 5.15 -4.70 40.19
CA LYS A 107 4.15 -5.65 39.69
C LYS A 107 3.84 -5.43 38.22
N MET A 108 4.86 -5.52 37.38
CA MET A 108 4.73 -5.28 35.95
C MET A 108 4.41 -6.56 35.20
N TYR A 109 3.80 -6.41 34.03
CA TYR A 109 3.63 -7.52 33.10
C TYR A 109 4.95 -7.65 32.34
N ILE A 110 5.86 -8.45 32.87
CA ILE A 110 7.20 -8.54 32.32
C ILE A 110 7.25 -9.41 31.06
N VAL A 111 7.74 -8.81 29.98
CA VAL A 111 7.90 -9.52 28.71
C VAL A 111 9.36 -9.86 28.49
N GLY A 112 9.64 -11.11 28.16
CA GLY A 112 10.98 -11.52 27.80
C GLY A 112 11.20 -11.32 26.32
N HIS A 113 12.19 -10.49 25.97
CA HIS A 113 12.39 -10.12 24.57
C HIS A 113 13.45 -10.96 23.86
N ASN A 114 12.99 -11.79 22.94
CA ASN A 114 13.83 -12.59 22.04
C ASN A 114 14.60 -13.75 22.65
N LEU A 115 14.10 -14.96 22.39
CA LEU A 115 14.83 -16.18 22.67
C LEU A 115 15.58 -16.58 21.41
N VAL A 116 14.86 -16.61 20.29
CA VAL A 116 15.45 -16.96 19.00
C VAL A 116 15.18 -15.88 17.95
N TRP A 117 16.22 -15.16 17.57
CA TRP A 117 16.11 -14.12 16.55
C TRP A 117 17.21 -14.30 15.51
N HIS A 118 16.95 -13.85 14.29
CA HIS A 118 17.93 -14.00 13.21
C HIS A 118 19.01 -12.94 13.29
N SER A 119 18.73 -11.87 14.01
CA SER A 119 19.67 -10.75 14.13
C SER A 119 20.23 -10.61 15.54
N GLN A 120 21.35 -9.91 15.65
CA GLN A 120 22.03 -9.71 16.92
C GLN A 120 22.37 -11.03 17.61
N VAL A 121 22.84 -11.99 16.82
CA VAL A 121 23.25 -13.28 17.33
C VAL A 121 24.67 -13.60 16.85
N PRO A 122 25.56 -13.97 17.79
CA PRO A 122 26.96 -14.26 17.47
C PRO A 122 27.12 -15.31 16.39
N LYS A 123 28.06 -15.09 15.48
CA LYS A 123 28.30 -16.00 14.36
C LYS A 123 28.78 -17.37 14.83
N GLU A 124 29.40 -17.39 16.01
CA GLU A 124 29.91 -18.63 16.58
C GLU A 124 28.82 -19.67 16.84
N VAL A 125 27.59 -19.19 16.98
CA VAL A 125 26.44 -20.06 17.21
C VAL A 125 26.18 -20.97 16.02
N PHE A 126 26.19 -20.40 14.83
CA PHE A 126 25.85 -21.14 13.62
C PHE A 126 27.03 -21.87 13.00
N LEU A 127 28.10 -22.04 13.78
CA LEU A 127 29.26 -22.79 13.31
C LEU A 127 29.77 -23.76 14.37
N ASN A 128 30.37 -24.86 13.92
CA ASN A 128 30.86 -25.88 14.84
C ASN A 128 32.17 -25.51 15.52
N GLU A 129 32.90 -26.51 15.99
CA GLU A 129 34.11 -26.29 16.77
C GLU A 129 35.36 -26.19 15.90
N SER A 130 35.16 -26.08 14.60
CA SER A 130 36.26 -26.00 13.64
C SER A 130 36.79 -24.59 13.28
N GLY A 131 35.93 -23.65 12.89
CA GLY A 131 34.48 -23.80 12.81
C GLY A 131 33.89 -23.67 11.43
N GLY A 132 33.42 -24.78 10.89
CA GLY A 132 32.64 -24.77 9.66
C GLY A 132 31.17 -24.69 10.02
N THR A 133 30.30 -24.76 9.03
CA THR A 133 28.86 -24.67 9.26
C THR A 133 28.36 -25.77 10.21
N ILE A 134 27.66 -25.36 11.25
CA ILE A 134 27.15 -26.28 12.27
C ILE A 134 26.04 -27.15 11.69
N SER A 135 25.84 -28.31 12.29
CA SER A 135 24.80 -29.25 11.84
C SER A 135 23.44 -28.91 12.44
N LYS A 136 22.41 -29.53 11.89
CA LYS A 136 21.03 -29.31 12.32
C LYS A 136 20.82 -29.73 13.77
N GLU A 137 21.35 -30.90 14.12
CA GLU A 137 21.18 -31.45 15.46
C GLU A 137 21.98 -30.68 16.51
N ALA A 138 23.19 -30.26 16.13
CA ALA A 138 24.06 -29.50 17.03
C ALA A 138 23.52 -28.10 17.29
N LEU A 139 22.99 -27.46 16.24
CA LEU A 139 22.40 -26.14 16.39
C LEU A 139 21.13 -26.21 17.22
N THR A 140 20.40 -27.31 17.09
CA THR A 140 19.18 -27.52 17.86
C THR A 140 19.52 -27.56 19.35
N ALA A 141 20.63 -28.20 19.68
CA ALA A 141 21.10 -28.27 21.06
C ALA A 141 21.46 -26.89 21.60
N LYS A 142 22.05 -26.06 20.75
CA LYS A 142 22.42 -24.71 21.14
C LYS A 142 21.19 -23.87 21.46
N MET A 143 20.19 -23.95 20.58
CA MET A 143 18.94 -23.21 20.78
C MET A 143 18.25 -23.64 22.07
N GLN A 144 18.15 -24.95 22.28
CA GLN A 144 17.46 -25.49 23.45
C GLN A 144 18.19 -25.20 24.76
N ASP A 145 19.52 -25.26 24.73
CA ASP A 145 20.33 -24.95 25.90
C ASP A 145 20.20 -23.47 26.26
N HIS A 146 20.10 -22.64 25.23
CA HIS A 146 19.94 -21.20 25.43
C HIS A 146 18.60 -20.90 26.09
N ILE A 147 17.56 -21.58 25.61
CA ILE A 147 16.21 -21.40 26.15
C ILE A 147 16.13 -21.91 27.59
N ALA A 148 16.70 -23.09 27.82
CA ALA A 148 16.70 -23.70 29.15
C ALA A 148 17.39 -22.83 30.19
N THR A 149 18.40 -22.09 29.76
CA THR A 149 19.15 -21.23 30.67
C THR A 149 18.49 -19.88 30.86
N LEU A 150 18.07 -19.28 29.75
CA LEU A 150 17.49 -17.94 29.79
C LEU A 150 16.08 -17.94 30.39
N ALA A 151 15.18 -18.74 29.82
CA ALA A 151 13.81 -18.81 30.33
C ALA A 151 13.76 -19.49 31.69
N GLY A 152 14.75 -20.33 31.98
CA GLY A 152 14.81 -21.04 33.23
C GLY A 152 15.15 -20.17 34.42
N ARG A 153 16.04 -19.21 34.20
CA ARG A 153 16.50 -18.32 35.25
C ARG A 153 15.35 -17.47 35.80
N TYR A 154 14.44 -17.08 34.93
CA TYR A 154 13.32 -16.24 35.31
C TYR A 154 12.01 -17.00 35.22
N LYS A 155 12.06 -18.30 35.53
CA LYS A 155 10.88 -19.14 35.49
C LYS A 155 9.85 -18.70 36.53
N GLY A 156 8.65 -18.38 36.05
CA GLY A 156 7.58 -17.92 36.93
C GLY A 156 7.63 -16.43 37.18
N ARG A 157 8.71 -15.79 36.77
CA ARG A 157 8.87 -14.35 36.98
C ARG A 157 8.59 -13.55 35.72
N ILE A 158 8.42 -14.26 34.60
CA ILE A 158 8.14 -13.61 33.32
C ILE A 158 6.80 -14.07 32.74
N GLN A 159 5.93 -13.10 32.44
CA GLN A 159 4.57 -13.40 31.99
C GLN A 159 4.50 -13.76 30.51
N ALA A 160 5.35 -13.15 29.70
CA ALA A 160 5.33 -13.40 28.27
C ALA A 160 6.72 -13.45 27.67
N TRP A 161 6.93 -14.39 26.75
CA TRP A 161 8.22 -14.55 26.09
C TRP A 161 8.11 -14.35 24.58
N ASP A 162 9.10 -13.66 24.03
CA ASP A 162 9.22 -13.52 22.58
C ASP A 162 10.05 -14.68 22.06
N VAL A 163 9.39 -15.82 21.87
CA VAL A 163 10.07 -17.06 21.49
C VAL A 163 10.78 -16.95 20.14
N VAL A 164 10.00 -16.72 19.09
CA VAL A 164 10.56 -16.55 17.75
C VAL A 164 10.17 -15.19 17.18
N ASN A 165 11.11 -14.53 16.53
CA ASN A 165 10.87 -13.19 16.00
C ASN A 165 11.31 -13.06 14.55
N GLU A 166 10.41 -12.54 13.72
CA GLU A 166 10.71 -12.22 12.32
C GLU A 166 11.20 -13.41 11.51
N ALA A 167 10.37 -14.45 11.43
CA ALA A 167 10.74 -15.66 10.69
C ALA A 167 10.17 -15.65 9.28
N VAL A 168 9.32 -14.66 9.00
CA VAL A 168 8.67 -14.56 7.69
C VAL A 168 9.22 -13.40 6.88
N GLU A 169 9.66 -13.68 5.66
CA GLU A 169 10.15 -12.65 4.76
C GLU A 169 8.97 -11.83 4.24
N ASP A 170 9.21 -10.56 3.95
CA ASP A 170 8.14 -9.64 3.57
C ASP A 170 7.48 -9.99 2.23
N ASP A 171 8.15 -10.81 1.44
CA ASP A 171 7.61 -11.21 0.13
C ASP A 171 6.73 -12.44 0.21
N GLY A 172 6.30 -12.79 1.42
CA GLY A 172 5.44 -13.93 1.63
C GLY A 172 6.17 -15.26 1.52
N SER A 173 7.28 -15.38 2.24
CA SER A 173 8.06 -16.62 2.25
C SER A 173 8.90 -16.71 3.52
N TRP A 174 9.61 -17.82 3.66
CA TRP A 174 10.47 -18.04 4.82
C TRP A 174 11.72 -17.17 4.74
N ARG A 175 12.09 -16.57 5.86
CA ARG A 175 13.32 -15.79 5.93
C ARG A 175 14.52 -16.72 5.89
N LYS A 176 15.42 -16.49 4.94
CA LYS A 176 16.59 -17.35 4.76
C LYS A 176 17.65 -17.10 5.83
N SER A 177 17.25 -17.22 7.10
CA SER A 177 18.17 -17.08 8.22
C SER A 177 18.92 -18.39 8.40
N PRO A 178 20.07 -18.34 9.09
CA PRO A 178 20.80 -19.56 9.43
C PRO A 178 19.93 -20.55 10.21
N TRP A 179 18.98 -20.03 10.99
CA TRP A 179 18.06 -20.88 11.74
C TRP A 179 17.22 -21.73 10.79
N TYR A 180 16.74 -21.12 9.71
CA TYR A 180 15.89 -21.82 8.75
C TYR A 180 16.68 -22.69 7.80
N ASN A 181 17.77 -22.15 7.26
CA ASN A 181 18.57 -22.87 6.26
C ASN A 181 19.22 -24.14 6.79
N ILE A 182 19.31 -24.25 8.11
CA ILE A 182 19.97 -25.40 8.73
C ILE A 182 18.98 -26.32 9.45
N MET A 183 18.12 -25.74 10.29
CA MET A 183 17.21 -26.51 11.10
C MET A 183 15.85 -26.70 10.43
N GLY A 184 15.64 -26.03 9.31
CA GLY A 184 14.36 -26.05 8.63
C GLY A 184 13.43 -25.02 9.23
N GLU A 185 12.14 -25.14 8.94
CA GLU A 185 11.16 -24.20 9.47
C GLU A 185 10.66 -24.68 10.83
N ASP A 186 11.01 -25.92 11.17
CA ASP A 186 10.53 -26.54 12.40
C ASP A 186 11.30 -26.07 13.63
N PHE A 187 12.23 -25.15 13.43
CA PHE A 187 12.97 -24.58 14.54
C PHE A 187 12.04 -23.73 15.39
N ILE A 188 11.00 -23.20 14.75
CA ILE A 188 9.96 -22.45 15.45
C ILE A 188 9.17 -23.38 16.35
N ALA A 189 8.81 -24.54 15.83
CA ALA A 189 8.05 -25.53 16.59
C ALA A 189 8.83 -26.03 17.78
N LYS A 190 10.15 -26.14 17.62
CA LYS A 190 11.02 -26.64 18.68
C LYS A 190 11.29 -25.58 19.74
N ALA A 191 11.41 -24.33 19.30
CA ALA A 191 11.68 -23.22 20.21
C ALA A 191 10.50 -23.02 21.18
N PHE A 192 9.28 -23.05 20.64
CA PHE A 192 8.09 -22.91 21.47
C PHE A 192 7.91 -24.11 22.40
N THR A 193 8.16 -25.30 21.87
CA THR A 193 8.03 -26.53 22.65
C THR A 193 9.01 -26.55 23.81
N MET A 194 10.23 -26.11 23.54
CA MET A 194 11.26 -26.04 24.58
C MET A 194 10.92 -25.00 25.64
N ALA A 195 10.41 -23.85 25.19
CA ALA A 195 10.07 -22.77 26.09
C ALA A 195 8.91 -23.14 27.01
N HIS A 196 7.93 -23.85 26.45
CA HIS A 196 6.75 -24.25 27.21
C HIS A 196 7.10 -25.32 28.24
N GLU A 197 8.16 -26.08 27.96
CA GLU A 197 8.62 -27.09 28.90
C GLU A 197 9.38 -26.41 30.04
N VAL A 198 10.22 -25.44 29.69
CA VAL A 198 11.00 -24.71 30.67
C VAL A 198 10.11 -23.89 31.60
N ASP A 199 9.31 -23.00 31.04
CA ASP A 199 8.38 -22.19 31.82
C ASP A 199 6.96 -22.34 31.28
N PRO A 200 6.20 -23.30 31.83
CA PRO A 200 4.87 -23.66 31.36
C PRO A 200 3.80 -22.60 31.68
N LYS A 201 4.14 -21.61 32.49
CA LYS A 201 3.18 -20.58 32.87
C LYS A 201 3.32 -19.32 32.03
N ALA A 202 4.42 -19.22 31.27
CA ALA A 202 4.67 -18.06 30.43
C ALA A 202 3.83 -18.08 29.17
N HIS A 203 3.40 -16.90 28.74
CA HIS A 203 2.59 -16.76 27.52
CA HIS A 203 2.60 -16.79 27.52
C HIS A 203 3.51 -16.63 26.30
N LEU A 204 3.63 -17.71 25.53
CA LEU A 204 4.52 -17.73 24.37
C LEU A 204 4.00 -16.91 23.20
N ILE A 205 4.88 -16.15 22.58
CA ILE A 205 4.52 -15.18 21.56
C ILE A 205 5.43 -15.27 20.34
N TYR A 206 4.84 -15.23 19.14
CA TYR A 206 5.61 -15.04 17.93
C TYR A 206 5.50 -13.59 17.48
N ASN A 207 6.63 -12.90 17.41
CA ASN A 207 6.63 -11.49 17.03
C ASN A 207 7.12 -11.29 15.60
N ASP A 208 6.60 -10.25 14.95
CA ASP A 208 7.01 -9.90 13.59
C ASP A 208 6.52 -8.51 13.21
N TYR A 209 7.19 -7.90 12.23
CA TYR A 209 6.80 -6.58 11.75
C TYR A 209 6.06 -6.68 10.42
N ASN A 210 5.54 -5.56 9.95
CA ASN A 210 4.81 -5.48 8.68
C ASN A 210 3.67 -6.47 8.60
N THR A 211 2.94 -6.61 9.70
CA THR A 211 1.82 -7.55 9.79
C THR A 211 0.59 -7.05 9.06
N GLU A 212 0.63 -5.80 8.60
CA GLU A 212 -0.48 -5.22 7.86
C GLU A 212 -0.35 -5.48 6.37
N SER A 213 0.76 -6.11 5.98
CA SER A 213 0.95 -6.54 4.61
C SER A 213 0.27 -7.89 4.40
N PRO A 214 -0.79 -7.92 3.58
CA PRO A 214 -1.63 -9.10 3.36
C PRO A 214 -0.83 -10.34 2.98
N ILE A 215 0.12 -10.18 2.07
CA ILE A 215 0.92 -11.31 1.60
C ILE A 215 1.79 -11.89 2.72
N LYS A 216 2.28 -11.03 3.60
CA LYS A 216 3.10 -11.46 4.72
C LYS A 216 2.22 -11.94 5.87
N ARG A 217 1.09 -11.25 6.05
CA ARG A 217 0.14 -11.60 7.11
C ARG A 217 -0.46 -12.98 6.88
N ASN A 218 -0.80 -13.26 5.63
CA ASN A 218 -1.40 -14.54 5.27
C ASN A 218 -0.44 -15.70 5.50
N PHE A 219 0.84 -15.46 5.19
CA PHE A 219 1.87 -16.46 5.39
C PHE A 219 2.08 -16.73 6.87
N ILE A 220 1.99 -15.68 7.68
CA ILE A 220 2.15 -15.81 9.12
C ILE A 220 1.01 -16.60 9.74
N VAL A 221 -0.23 -16.16 9.47
CA VAL A 221 -1.41 -16.82 9.99
C VAL A 221 -1.46 -18.29 9.58
N GLY A 222 -1.10 -18.56 8.33
CA GLY A 222 -1.06 -19.91 7.83
C GLY A 222 -0.04 -20.76 8.57
N MET A 223 1.14 -20.19 8.78
CA MET A 223 2.20 -20.85 9.52
C MET A 223 1.79 -21.11 10.97
N ILE A 224 1.19 -20.10 11.60
CA ILE A 224 0.72 -20.21 12.97
C ILE A 224 -0.34 -21.30 13.14
N LYS A 225 -1.32 -21.30 12.24
CA LYS A 225 -2.40 -22.28 12.28
C LYS A 225 -1.86 -23.70 12.12
N ASN A 226 -0.88 -23.86 11.24
CA ASN A 226 -0.28 -25.15 10.98
C ASN A 226 0.48 -25.70 12.19
N PHE A 227 1.21 -24.83 12.86
CA PHE A 227 1.98 -25.23 14.05
C PHE A 227 1.08 -25.55 15.23
N LYS A 228 0.10 -24.68 15.48
CA LYS A 228 -0.82 -24.88 16.59
C LYS A 228 -1.63 -26.17 16.44
N LYS A 229 -1.92 -26.54 15.21
CA LYS A 229 -2.65 -27.77 14.94
C LYS A 229 -1.79 -28.98 15.26
N GLN A 230 -0.47 -28.81 15.15
CA GLN A 230 0.47 -29.88 15.42
C GLN A 230 0.83 -29.95 16.91
N GLY A 231 0.17 -29.13 17.72
CA GLY A 231 0.37 -29.18 19.16
C GLY A 231 1.35 -28.14 19.68
N VAL A 232 1.94 -27.36 18.78
CA VAL A 232 2.91 -26.35 19.18
C VAL A 232 2.23 -25.25 19.99
N PRO A 233 2.70 -25.05 21.24
CA PRO A 233 2.12 -24.08 22.17
C PRO A 233 2.40 -22.63 21.78
N ILE A 234 1.70 -22.14 20.77
CA ILE A 234 1.77 -20.73 20.40
C ILE A 234 0.54 -20.00 20.95
N HIS A 235 0.75 -19.23 22.01
CA HIS A 235 -0.35 -18.61 22.73
C HIS A 235 -0.76 -17.25 22.15
N GLY A 236 0.18 -16.58 21.50
CA GLY A 236 -0.09 -15.27 20.94
C GLY A 236 0.85 -14.86 19.83
N VAL A 237 0.42 -13.88 19.04
CA VAL A 237 1.25 -13.32 17.98
C VAL A 237 1.41 -11.82 18.17
N GLY A 238 2.65 -11.36 18.13
CA GLY A 238 2.94 -9.96 18.37
C GLY A 238 3.03 -9.12 17.10
N MET A 239 2.30 -8.01 17.08
CA MET A 239 2.42 -7.03 16.01
C MET A 239 3.40 -5.95 16.45
N GLN A 240 4.54 -5.88 15.77
CA GLN A 240 5.54 -4.87 16.10
C GLN A 240 5.01 -3.45 15.90
N GLU A 241 4.13 -3.29 14.92
CA GLU A 241 3.44 -2.02 14.69
C GLU A 241 4.38 -0.83 14.52
N HIS A 242 5.44 -1.01 13.74
CA HIS A 242 6.32 0.11 13.40
C HIS A 242 5.69 0.90 12.27
N LEU A 243 4.66 1.68 12.62
CA LEU A 243 3.83 2.36 11.64
C LEU A 243 4.39 3.74 11.29
N ALA A 244 3.84 4.34 10.24
CA ALA A 244 4.23 5.69 9.85
C ALA A 244 3.09 6.66 10.12
N ILE A 245 3.37 7.96 9.98
CA ILE A 245 2.38 8.99 10.24
C ILE A 245 1.20 8.88 9.26
N ASP A 246 1.49 8.42 8.05
CA ASP A 246 0.48 8.27 7.02
C ASP A 246 -0.17 6.89 7.05
N GLY A 247 0.62 5.87 6.70
CA GLY A 247 0.12 4.50 6.66
C GLY A 247 0.86 3.59 7.61
N PRO A 248 0.43 2.31 7.70
CA PRO A 248 -0.72 1.75 6.98
C PRO A 248 -2.04 2.15 7.62
N SER A 249 -3.14 1.92 6.89
CA SER A 249 -4.46 2.32 7.36
C SER A 249 -4.91 1.51 8.58
N VAL A 250 -5.93 2.02 9.26
CA VAL A 250 -6.46 1.34 10.44
C VAL A 250 -7.34 0.16 10.03
N ASP A 251 -7.73 0.13 8.76
CA ASP A 251 -8.53 -0.97 8.24
C ASP A 251 -7.71 -2.25 8.16
N GLU A 252 -6.48 -2.13 7.64
CA GLU A 252 -5.58 -3.25 7.55
C GLU A 252 -5.12 -3.70 8.94
N ILE A 253 -4.98 -2.74 9.85
CA ILE A 253 -4.63 -3.03 11.23
C ILE A 253 -5.74 -3.85 11.87
N GLU A 254 -6.98 -3.46 11.60
CA GLU A 254 -8.15 -4.17 12.11
C GLU A 254 -8.21 -5.59 11.57
N LYS A 255 -7.91 -5.75 10.28
CA LYS A 255 -7.95 -7.05 9.63
C LYS A 255 -6.91 -8.01 10.20
N THR A 256 -5.78 -7.46 10.63
CA THR A 256 -4.74 -8.27 11.25
C THR A 256 -5.24 -8.79 12.60
N LEU A 257 -5.94 -7.93 13.33
CA LEU A 257 -6.52 -8.31 14.62
C LEU A 257 -7.53 -9.44 14.47
N ILE A 258 -8.35 -9.35 13.43
CA ILE A 258 -9.38 -10.35 13.17
C ILE A 258 -8.76 -11.67 12.72
N ALA A 259 -7.77 -11.59 11.84
CA ALA A 259 -7.09 -12.77 11.32
C ALA A 259 -6.38 -13.54 12.43
N LEU A 260 -5.79 -12.81 13.36
CA LEU A 260 -5.07 -13.41 14.47
C LEU A 260 -6.03 -14.02 15.48
N ALA A 261 -7.16 -13.35 15.71
CA ALA A 261 -8.17 -13.86 16.63
C ALA A 261 -8.77 -15.14 16.09
N ASP A 262 -8.96 -15.20 14.78
CA ASP A 262 -9.51 -16.39 14.13
C ASP A 262 -8.45 -17.48 13.99
N ALA A 263 -7.21 -17.13 14.30
CA ALA A 263 -6.11 -18.08 14.24
C ALA A 263 -5.92 -18.81 15.56
N GLY A 264 -6.58 -18.32 16.61
CA GLY A 264 -6.54 -18.96 17.91
C GLY A 264 -5.57 -18.32 18.88
N VAL A 265 -4.75 -17.40 18.37
CA VAL A 265 -3.76 -16.72 19.19
C VAL A 265 -4.28 -15.43 19.80
N ARG A 266 -3.50 -14.85 20.69
CA ARG A 266 -3.88 -13.59 21.33
C ARG A 266 -3.04 -12.45 20.74
N ALA A 267 -3.67 -11.29 20.57
CA ALA A 267 -2.99 -10.16 19.92
C ALA A 267 -2.12 -9.36 20.89
N HIS A 268 -0.91 -9.06 20.45
CA HIS A 268 0.02 -8.25 21.22
C HIS A 268 0.63 -7.14 20.38
N ILE A 269 0.47 -5.90 20.83
CA ILE A 269 1.17 -4.78 20.22
C ILE A 269 2.49 -4.61 20.97
N THR A 270 3.60 -4.88 20.28
CA THR A 270 4.89 -5.04 20.94
C THR A 270 5.84 -3.85 20.86
N GLU A 271 6.01 -3.28 19.67
CA GLU A 271 7.00 -2.23 19.48
C GLU A 271 6.42 -0.99 18.81
N LEU A 272 5.26 -0.54 19.29
CA LEU A 272 4.51 0.54 18.65
C LEU A 272 5.24 1.88 18.64
N ASP A 273 5.42 2.43 17.45
CA ASP A 273 5.96 3.77 17.27
C ASP A 273 5.51 4.35 15.93
N ILE A 274 5.46 5.67 15.84
CA ILE A 274 4.96 6.33 14.63
C ILE A 274 6.02 7.22 13.99
N ASP A 275 6.58 6.77 12.87
CA ASP A 275 7.58 7.54 12.16
C ASP A 275 6.95 8.73 11.45
N VAL A 276 7.37 9.93 11.83
CA VAL A 276 6.80 11.16 11.27
C VAL A 276 7.78 11.87 10.34
N LEU A 277 8.81 11.14 9.90
CA LEU A 277 9.82 11.71 9.02
C LEU A 277 9.68 11.16 7.60
N PRO A 278 10.00 11.99 6.59
CA PRO A 278 9.96 11.58 5.18
C PRO A 278 10.92 10.42 4.89
N SER A 279 10.40 9.36 4.30
CA SER A 279 11.21 8.17 4.03
C SER A 279 11.27 7.85 2.54
N VAL A 280 10.87 6.63 2.18
CA VAL A 280 10.90 6.19 0.80
C VAL A 280 9.51 5.81 0.30
N PHE A 292 20.64 5.34 4.94
CA PHE A 292 20.62 6.31 3.86
C PHE A 292 21.44 7.55 4.18
N GLU A 293 21.62 8.41 3.18
CA GLU A 293 22.41 9.63 3.34
C GLU A 293 21.58 10.73 4.01
N TYR A 294 22.23 11.51 4.88
CA TYR A 294 21.56 12.60 5.59
C TYR A 294 21.35 13.80 4.66
N LYS A 295 20.19 14.43 4.79
CA LYS A 295 19.87 15.60 3.98
C LYS A 295 19.02 16.55 4.81
N PRO A 296 19.29 17.86 4.71
CA PRO A 296 18.57 18.88 5.48
C PRO A 296 17.06 18.90 5.22
N GLU A 297 16.64 18.37 4.06
CA GLU A 297 15.22 18.39 3.72
C GLU A 297 14.46 17.17 4.23
N ARG A 298 15.17 16.07 4.48
CA ARG A 298 14.53 14.88 5.03
C ARG A 298 14.64 14.84 6.55
N ASP A 299 15.12 15.93 7.13
CA ASP A 299 15.12 16.11 8.57
C ASP A 299 14.66 17.54 8.86
N PRO A 300 13.36 17.81 8.67
CA PRO A 300 12.82 19.17 8.69
C PRO A 300 12.29 19.62 10.06
N TYR A 301 12.45 18.79 11.08
CA TYR A 301 11.92 19.13 12.40
C TYR A 301 13.03 19.17 13.44
N ILE A 302 14.18 19.69 13.06
CA ILE A 302 15.31 19.85 13.97
C ILE A 302 14.98 20.92 15.01
N GLN A 303 14.31 21.97 14.56
CA GLN A 303 13.98 23.10 15.43
C GLN A 303 12.80 22.78 16.34
N GLY A 304 12.12 21.66 16.06
CA GLY A 304 10.98 21.25 16.85
C GLY A 304 9.85 20.73 15.98
N LEU A 305 8.81 20.21 16.62
CA LEU A 305 7.66 19.69 15.88
C LEU A 305 6.51 20.69 15.89
N PRO A 306 6.08 21.14 14.70
CA PRO A 306 5.01 22.12 14.53
C PRO A 306 3.68 21.63 15.11
N LYS A 307 2.73 22.54 15.28
CA LYS A 307 1.46 22.20 15.91
C LYS A 307 0.61 21.29 15.03
N ASP A 308 0.61 21.56 13.73
CA ASP A 308 -0.17 20.76 12.78
C ASP A 308 0.38 19.34 12.69
N MET A 309 1.68 19.19 12.97
CA MET A 309 2.31 17.88 13.00
C MET A 309 2.02 17.16 14.31
N GLU A 310 1.98 17.92 15.40
CA GLU A 310 1.62 17.38 16.70
C GLU A 310 0.18 16.88 16.68
N GLU A 311 -0.68 17.60 15.97
CA GLU A 311 -2.08 17.22 15.86
C GLU A 311 -2.29 16.07 14.90
N LYS A 312 -1.50 16.04 13.82
CA LYS A 312 -1.57 14.93 12.88
C LYS A 312 -1.08 13.66 13.54
N LEU A 313 -0.10 13.81 14.43
CA LEU A 313 0.42 12.69 15.21
C LEU A 313 -0.59 12.27 16.27
N ALA A 314 -1.21 13.25 16.91
CA ALA A 314 -2.25 12.98 17.90
C ALA A 314 -3.44 12.29 17.25
N LYS A 315 -3.84 12.78 16.08
CA LYS A 315 -4.91 12.17 15.32
C LYS A 315 -4.53 10.75 14.91
N ARG A 316 -3.27 10.56 14.55
CA ARG A 316 -2.77 9.25 14.15
C ARG A 316 -2.89 8.23 15.29
N TYR A 317 -2.25 8.52 16.41
CA TYR A 317 -2.32 7.67 17.60
C TYR A 317 -3.76 7.40 18.04
N GLU A 318 -4.61 8.42 17.93
CA GLU A 318 -6.00 8.30 18.33
C GLU A 318 -6.73 7.28 17.46
N ASP A 319 -6.55 7.39 16.15
CA ASP A 319 -7.19 6.49 15.19
C ASP A 319 -6.77 5.04 15.41
N ILE A 320 -5.50 4.84 15.78
CA ILE A 320 -4.98 3.50 16.01
C ILE A 320 -5.59 2.89 17.27
N PHE A 321 -5.61 3.67 18.35
CA PHE A 321 -6.17 3.19 19.62
C PHE A 321 -7.68 3.02 19.57
N LYS A 322 -8.34 3.73 18.67
CA LYS A 322 -9.77 3.56 18.45
C LYS A 322 -10.04 2.13 17.98
N ILE A 323 -9.19 1.65 17.09
CA ILE A 323 -9.30 0.29 16.57
C ILE A 323 -8.95 -0.72 17.67
N TYR A 324 -7.91 -0.40 18.44
CA TYR A 324 -7.50 -1.25 19.54
C TYR A 324 -8.61 -1.43 20.57
N LEU A 325 -9.27 -0.33 20.91
CA LEU A 325 -10.37 -0.37 21.87
C LEU A 325 -11.56 -1.15 21.31
N LYS A 326 -11.76 -1.05 20.00
CA LYS A 326 -12.83 -1.76 19.33
C LYS A 326 -12.64 -3.27 19.47
N HIS A 327 -11.39 -3.70 19.41
CA HIS A 327 -11.05 -5.11 19.55
C HIS A 327 -10.21 -5.34 20.81
N ARG A 328 -10.68 -4.78 21.92
CA ARG A 328 -9.96 -4.89 23.18
C ARG A 328 -9.96 -6.33 23.71
N ASP A 329 -10.95 -7.10 23.31
CA ASP A 329 -11.07 -8.49 23.74
C ASP A 329 -10.07 -9.38 23.01
N LYS A 330 -9.48 -8.84 21.94
CA LYS A 330 -8.49 -9.58 21.17
C LYS A 330 -7.08 -9.25 21.63
N ILE A 331 -6.88 -8.02 22.10
CA ILE A 331 -5.56 -7.55 22.49
C ILE A 331 -5.32 -7.75 23.99
N GLU A 332 -4.13 -8.24 24.32
CA GLU A 332 -3.74 -8.44 25.71
C GLU A 332 -2.84 -7.31 26.20
N ARG A 333 -2.05 -6.76 25.28
CA ARG A 333 -1.04 -5.76 25.64
C ARG A 333 -0.69 -4.83 24.48
N VAL A 334 -0.58 -3.54 24.79
CA VAL A 334 -0.08 -2.57 23.83
C VAL A 334 1.19 -1.92 24.37
N THR A 335 2.31 -2.18 23.70
CA THR A 335 3.60 -1.68 24.16
C THR A 335 4.23 -0.72 23.16
N LEU A 336 4.60 0.46 23.64
CA LEU A 336 5.31 1.44 22.82
C LEU A 336 6.81 1.24 22.92
N TRP A 337 7.49 1.27 21.77
CA TRP A 337 8.92 1.04 21.74
C TRP A 337 9.71 2.23 22.26
N GLY A 338 9.65 2.44 23.57
CA GLY A 338 10.28 3.58 24.21
C GLY A 338 9.25 4.49 24.86
N THR A 339 9.71 5.32 25.78
CA THR A 339 8.81 6.22 26.50
C THR A 339 8.86 7.63 25.91
N ALA A 340 10.06 8.19 25.81
CA ALA A 340 10.22 9.55 25.29
C ALA A 340 10.87 9.56 23.91
N ASP A 341 10.80 10.71 23.25
CA ASP A 341 11.30 10.85 21.88
C ASP A 341 12.83 10.77 21.78
N ASN A 342 13.50 11.07 22.88
CA ASN A 342 14.97 11.12 22.87
C ASN A 342 15.61 9.73 22.87
N GLU A 343 14.81 8.70 23.08
CA GLU A 343 15.35 7.34 23.21
C GLU A 343 14.92 6.42 22.08
N THR A 344 14.31 6.99 21.04
CA THR A 344 13.83 6.16 19.93
C THR A 344 14.95 5.78 18.95
N TRP A 345 14.80 4.60 18.35
CA TRP A 345 15.75 4.10 17.36
C TRP A 345 15.54 4.80 16.02
N LEU A 346 14.40 5.47 15.89
CA LEU A 346 14.06 6.15 14.65
C LEU A 346 14.78 7.49 14.50
N ASN A 347 15.48 7.90 15.55
CA ASN A 347 16.29 9.10 15.50
C ASN A 347 17.51 8.91 14.60
N ASP A 348 18.00 7.68 14.55
CA ASP A 348 19.21 7.38 13.79
C ASP A 348 18.99 6.28 12.75
N PHE A 349 17.74 5.89 12.56
CA PHE A 349 17.41 4.86 11.59
C PHE A 349 16.12 5.20 10.85
N PRO A 350 16.11 5.01 9.52
CA PRO A 350 17.23 4.49 8.71
C PRO A 350 18.27 5.55 8.37
N ILE A 351 18.10 6.75 8.91
CA ILE A 351 19.06 7.83 8.67
C ILE A 351 19.59 8.38 9.99
N LYS A 352 20.91 8.33 10.16
CA LYS A 352 21.54 8.77 11.40
C LYS A 352 21.60 10.29 11.52
N GLY A 353 21.22 10.80 12.68
CA GLY A 353 21.35 12.22 12.97
C GLY A 353 20.05 13.00 12.89
N ARG A 354 18.97 12.32 12.55
CA ARG A 354 17.68 12.99 12.39
C ARG A 354 16.98 13.18 13.73
N THR A 355 15.96 14.04 13.74
CA THR A 355 15.17 14.30 14.93
C THR A 355 13.74 13.83 14.74
N ASN A 356 13.39 12.73 15.39
CA ASN A 356 12.08 12.11 15.20
C ASN A 356 11.19 12.25 16.44
N TYR A 357 9.89 12.11 16.25
CA TYR A 357 8.92 12.21 17.34
C TYR A 357 7.89 11.08 17.29
N PRO A 358 8.31 9.85 17.60
CA PRO A 358 7.41 8.69 17.46
C PRO A 358 6.63 8.33 18.71
N LEU A 359 7.08 8.77 19.88
CA LEU A 359 6.49 8.33 21.15
C LEU A 359 5.45 9.29 21.74
N LEU A 360 5.00 8.98 22.95
CA LEU A 360 3.97 9.77 23.63
C LEU A 360 4.56 10.89 24.49
N PHE A 361 5.84 10.77 24.83
CA PHE A 361 6.53 11.79 25.60
C PHE A 361 7.65 12.41 24.76
N ASP A 362 7.92 13.69 25.00
CA ASP A 362 8.90 14.40 24.19
C ASP A 362 10.32 14.28 24.74
N ARG A 363 11.23 15.05 24.15
CA ARG A 363 12.63 15.03 24.52
C ARG A 363 12.87 15.49 25.97
N ASN A 364 11.91 16.22 26.52
CA ASN A 364 12.00 16.67 27.90
C ASN A 364 11.08 15.89 28.85
N GLN A 365 10.74 14.67 28.45
CA GLN A 365 9.89 13.78 29.24
C GLN A 365 8.53 14.39 29.57
N LYS A 366 8.01 15.22 28.68
CA LYS A 366 6.70 15.83 28.87
C LYS A 366 5.67 15.17 27.96
N PRO A 367 4.47 14.92 28.49
CA PRO A 367 3.38 14.30 27.74
C PRO A 367 2.98 15.10 26.51
N LYS A 368 2.98 14.45 25.35
CA LYS A 368 2.61 15.09 24.09
C LYS A 368 1.09 15.05 23.90
N PRO A 369 0.55 15.94 23.03
CA PRO A 369 -0.88 15.97 22.76
C PRO A 369 -1.46 14.60 22.38
N ALA A 370 -0.64 13.75 21.77
CA ALA A 370 -1.07 12.41 21.41
C ALA A 370 -1.42 11.59 22.66
N TYR A 371 -0.62 11.78 23.71
CA TYR A 371 -0.82 11.08 24.98
C TYR A 371 -2.17 11.42 25.60
N PHE A 372 -2.47 12.72 25.71
CA PHE A 372 -3.74 13.17 26.27
C PHE A 372 -4.90 12.77 25.38
N ARG A 373 -4.63 12.66 24.09
CA ARG A 373 -5.65 12.25 23.13
C ARG A 373 -6.10 10.82 23.42
N LEU A 374 -5.16 10.00 23.88
CA LEU A 374 -5.45 8.61 24.22
C LEU A 374 -6.16 8.52 25.56
N LEU A 375 -5.97 9.51 26.41
CA LEU A 375 -6.63 9.54 27.71
C LEU A 375 -8.10 9.90 27.57
N ASP A 376 -8.40 10.82 26.65
CA ASP A 376 -9.77 11.28 26.44
C ASP A 376 -10.66 10.17 25.90
N LEU A 377 -10.06 9.17 25.27
CA LEU A 377 -10.82 8.04 24.74
C LEU A 377 -11.47 7.23 25.85
N LYS A 378 -10.87 7.27 27.04
CA LYS A 378 -11.38 6.51 28.17
C LYS A 378 -12.03 7.41 29.22
N LYS A 379 -12.30 8.65 28.84
CA LYS A 379 -12.97 9.60 29.73
C LYS A 379 -14.42 9.82 29.32
N GLY B 34 11.66 7.48 -8.40
CA GLY B 34 10.40 7.33 -9.11
C GLY B 34 10.53 6.57 -10.41
N ILE B 35 9.51 5.78 -10.74
CA ILE B 35 9.51 4.98 -11.97
C ILE B 35 9.51 5.88 -13.20
N LYS B 36 9.06 7.12 -13.03
CA LYS B 36 9.03 8.09 -14.12
C LYS B 36 10.43 8.40 -14.65
N ASP B 37 11.42 8.33 -13.76
CA ASP B 37 12.79 8.67 -14.11
C ASP B 37 13.50 7.53 -14.84
N PHE B 38 12.99 6.32 -14.67
CA PHE B 38 13.58 5.15 -15.31
C PHE B 38 13.15 5.05 -16.77
N TYR B 39 12.00 5.64 -17.08
CA TYR B 39 11.49 5.65 -18.45
C TYR B 39 11.39 7.08 -18.96
N LYS B 40 12.30 7.93 -18.50
CA LYS B 40 12.31 9.34 -18.85
C LYS B 40 12.41 9.57 -20.36
N ASP B 41 13.29 8.83 -21.02
CA ASP B 41 13.52 9.00 -22.44
C ASP B 41 12.79 7.97 -23.30
N ASP B 42 12.06 7.07 -22.64
CA ASP B 42 11.29 6.04 -23.34
C ASP B 42 9.86 6.50 -23.59
N PHE B 43 9.15 6.76 -22.50
CA PHE B 43 7.78 7.29 -22.56
C PHE B 43 7.29 7.72 -21.17
N ARG B 44 6.32 8.63 -21.16
CA ARG B 44 5.74 9.11 -19.90
C ARG B 44 5.09 7.98 -19.12
N ILE B 45 5.23 8.03 -17.80
CA ILE B 45 4.56 7.08 -16.93
C ILE B 45 3.47 7.78 -16.14
N GLY B 46 2.22 7.44 -16.44
CA GLY B 46 1.09 8.12 -15.82
C GLY B 46 0.22 7.26 -14.94
N THR B 47 -0.73 7.90 -14.27
CA THR B 47 -1.68 7.20 -13.43
C THR B 47 -3.01 7.94 -13.40
N ALA B 48 -4.04 7.29 -12.86
CA ALA B 48 -5.35 7.90 -12.74
C ALA B 48 -5.58 8.37 -11.32
N VAL B 49 -6.19 9.54 -11.17
CA VAL B 49 -6.44 10.12 -9.86
C VAL B 49 -7.92 10.42 -9.65
N ALA B 50 -8.47 9.92 -8.55
CA ALA B 50 -9.89 10.12 -8.24
C ALA B 50 -10.14 11.50 -7.64
N THR B 51 -11.42 11.86 -7.53
CA THR B 51 -11.82 13.16 -7.02
C THR B 51 -11.54 13.27 -5.52
N ALA B 52 -11.78 12.17 -4.79
CA ALA B 52 -11.57 12.13 -3.35
C ALA B 52 -10.10 12.38 -3.00
N THR B 53 -9.21 12.02 -3.92
CA THR B 53 -7.78 12.23 -3.72
C THR B 53 -7.45 13.72 -3.78
N LEU B 54 -8.29 14.47 -4.49
CA LEU B 54 -8.06 15.90 -4.68
C LEU B 54 -8.80 16.74 -3.64
N THR B 55 -9.94 16.26 -3.17
CA THR B 55 -10.79 17.03 -2.27
C THR B 55 -10.50 16.79 -0.79
N MET B 56 -10.18 15.55 -0.44
CA MET B 56 -9.96 15.20 0.96
C MET B 56 -8.51 15.40 1.41
N LYS B 57 -8.35 15.97 2.60
CA LYS B 57 -7.02 16.22 3.16
C LYS B 57 -6.36 14.91 3.60
N GLU B 58 -7.17 13.87 3.75
CA GLU B 58 -6.69 12.57 4.21
C GLU B 58 -5.97 11.82 3.08
N LYS B 59 -6.08 12.34 1.86
CA LYS B 59 -5.48 11.71 0.70
C LYS B 59 -4.23 12.44 0.22
N LYS B 60 -3.76 13.39 1.03
CA LYS B 60 -2.54 14.13 0.70
C LYS B 60 -1.30 13.27 0.47
N PRO B 61 -1.07 12.23 1.32
CA PRO B 61 0.09 11.38 1.04
C PRO B 61 0.02 10.67 -0.31
N LEU B 62 -1.19 10.42 -0.80
CA LEU B 62 -1.37 9.80 -2.10
C LEU B 62 -0.95 10.75 -3.22
N LEU B 63 -1.30 12.04 -3.07
CA LEU B 63 -0.89 13.05 -4.02
C LEU B 63 0.63 13.17 -4.07
N ALA B 64 1.25 13.13 -2.89
CA ALA B 64 2.70 13.19 -2.79
C ALA B 64 3.33 11.95 -3.40
N LEU B 65 2.63 10.82 -3.29
CA LEU B 65 3.09 9.57 -3.88
C LEU B 65 3.01 9.63 -5.40
N ILE B 66 1.92 10.18 -5.92
CA ILE B 66 1.71 10.32 -7.35
C ILE B 66 2.76 11.26 -7.96
N ALA B 67 3.05 12.34 -7.24
CA ALA B 67 4.02 13.34 -7.69
C ALA B 67 5.44 12.81 -7.62
N ARG B 68 5.63 11.71 -6.92
CA ARG B 68 6.95 11.15 -6.72
C ARG B 68 7.24 10.02 -7.71
N GLU B 69 6.19 9.45 -8.28
CA GLU B 69 6.34 8.29 -9.16
C GLU B 69 5.93 8.54 -10.61
N PHE B 70 5.01 9.47 -10.82
CA PHE B 70 4.45 9.68 -12.16
C PHE B 70 4.72 11.07 -12.73
N ASN B 71 4.74 11.16 -14.06
CA ASN B 71 4.91 12.44 -14.74
C ASN B 71 3.73 12.74 -15.66
N ALA B 72 2.60 12.09 -15.39
CA ALA B 72 1.38 12.28 -16.16
C ALA B 72 0.17 11.87 -15.33
N ILE B 73 -0.92 12.61 -15.46
CA ILE B 73 -2.13 12.31 -14.70
C ILE B 73 -3.39 12.37 -15.55
N THR B 74 -4.40 11.59 -15.13
CA THR B 74 -5.67 11.52 -15.83
C THR B 74 -6.80 11.48 -14.82
N PRO B 75 -7.82 12.34 -15.00
CA PRO B 75 -8.95 12.39 -14.06
C PRO B 75 -9.87 11.19 -14.27
N GLU B 76 -10.27 10.56 -13.17
CA GLU B 76 -11.13 9.38 -13.25
C GLU B 76 -12.57 9.73 -13.57
N ASN B 77 -13.06 10.82 -12.97
CA ASN B 77 -14.46 11.19 -13.12
C ASN B 77 -14.72 12.70 -13.12
N CYS B 78 -13.77 13.47 -12.59
CA CYS B 78 -14.01 14.89 -12.35
C CYS B 78 -14.08 15.76 -13.60
N MET B 79 -13.75 15.18 -14.75
CA MET B 79 -13.81 15.93 -16.00
C MET B 79 -14.79 15.34 -17.01
N LYS B 80 -15.66 14.45 -16.54
CA LYS B 80 -16.71 13.89 -17.38
C LYS B 80 -18.05 14.57 -17.13
N TRP B 81 -18.95 14.47 -18.10
CA TRP B 81 -20.16 15.32 -18.17
C TRP B 81 -20.99 15.41 -16.89
N GLU B 82 -21.46 14.28 -16.38
CA GLU B 82 -22.34 14.27 -15.21
C GLU B 82 -21.75 14.91 -13.94
N PRO B 83 -20.54 14.48 -13.53
CA PRO B 83 -20.00 15.11 -12.32
C PRO B 83 -19.59 16.56 -12.55
N LEU B 84 -19.30 16.91 -13.80
CA LEU B 84 -18.82 18.25 -14.13
C LEU B 84 -19.98 19.21 -14.38
N LYS B 85 -21.13 18.66 -14.78
CA LYS B 85 -22.28 19.49 -15.14
C LYS B 85 -23.58 18.71 -14.97
N PRO B 86 -24.04 18.55 -13.72
CA PRO B 86 -25.27 17.81 -13.40
C PRO B 86 -26.49 18.38 -14.10
N GLN B 87 -27.26 17.51 -14.74
CA GLN B 87 -28.45 17.90 -15.51
C GLN B 87 -28.14 18.89 -16.63
N ASP B 88 -26.87 18.93 -17.04
CA ASP B 88 -26.41 19.84 -18.09
C ASP B 88 -26.75 21.29 -17.76
N LYS B 89 -26.67 21.64 -16.48
CA LYS B 89 -27.03 22.97 -16.02
C LYS B 89 -25.81 23.78 -15.60
N ASP B 90 -25.65 23.96 -14.29
CA ASP B 90 -24.53 24.73 -13.77
C ASP B 90 -23.25 23.90 -13.73
N TRP B 91 -22.14 24.51 -14.14
CA TRP B 91 -20.85 23.83 -14.14
C TRP B 91 -20.30 23.69 -12.73
N HIS B 92 -19.61 22.59 -12.47
CA HIS B 92 -18.90 22.39 -11.21
C HIS B 92 -17.40 22.30 -11.49
N TRP B 93 -16.71 23.41 -11.32
CA TRP B 93 -15.30 23.49 -11.71
C TRP B 93 -14.32 23.14 -10.58
N GLU B 94 -14.82 23.10 -9.35
CA GLU B 94 -13.97 22.93 -8.17
C GLU B 94 -13.00 21.75 -8.25
N ALA B 95 -13.56 20.56 -8.47
CA ALA B 95 -12.75 19.34 -8.49
C ALA B 95 -11.76 19.34 -9.64
N ALA B 96 -12.21 19.71 -10.83
CA ALA B 96 -11.38 19.71 -12.02
C ALA B 96 -10.26 20.74 -11.93
N ASP B 97 -10.53 21.87 -11.28
CA ASP B 97 -9.52 22.90 -11.10
C ASP B 97 -8.40 22.39 -10.21
N LYS B 98 -8.77 21.70 -9.14
CA LYS B 98 -7.79 21.11 -8.22
C LYS B 98 -6.87 20.14 -8.95
N PHE B 99 -7.44 19.43 -9.92
CA PHE B 99 -6.70 18.46 -10.72
C PHE B 99 -5.61 19.13 -11.56
N VAL B 100 -5.98 20.21 -12.24
CA VAL B 100 -5.05 20.92 -13.11
C VAL B 100 -3.99 21.68 -12.31
N GLU B 101 -4.41 22.28 -11.20
CA GLU B 101 -3.49 22.97 -10.31
C GLU B 101 -2.45 22.01 -9.76
N PHE B 102 -2.88 20.79 -9.49
CA PHE B 102 -1.99 19.76 -8.96
C PHE B 102 -0.95 19.33 -10.00
N GLY B 103 -1.40 19.21 -11.25
CA GLY B 103 -0.53 18.80 -12.33
C GLY B 103 0.54 19.85 -12.66
N GLU B 104 0.12 21.11 -12.74
CA GLU B 104 1.04 22.18 -13.07
C GLU B 104 2.04 22.43 -11.95
N LYS B 105 1.65 22.09 -10.73
CA LYS B 105 2.51 22.27 -9.58
C LYS B 105 3.69 21.30 -9.63
N HIS B 106 3.52 20.19 -10.34
CA HIS B 106 4.55 19.18 -10.44
C HIS B 106 4.97 18.91 -11.87
N LYS B 107 4.69 19.87 -12.75
CA LYS B 107 5.08 19.78 -14.16
C LYS B 107 4.59 18.50 -14.83
N MET B 108 3.36 18.10 -14.50
CA MET B 108 2.78 16.86 -15.02
C MET B 108 2.39 16.97 -16.49
N TYR B 109 2.28 15.81 -17.14
CA TYR B 109 1.71 15.73 -18.48
C TYR B 109 0.21 15.58 -18.30
N ILE B 110 -0.48 16.69 -18.12
CA ILE B 110 -1.91 16.68 -17.82
C ILE B 110 -2.76 16.19 -18.99
N VAL B 111 -3.45 15.08 -18.76
CA VAL B 111 -4.34 14.51 -19.76
C VAL B 111 -5.80 14.82 -19.41
N GLY B 112 -6.55 15.31 -20.38
CA GLY B 112 -7.97 15.56 -20.17
C GLY B 112 -8.80 14.35 -20.55
N HIS B 113 -9.65 13.90 -19.64
CA HIS B 113 -10.40 12.67 -19.86
C HIS B 113 -11.83 12.93 -20.32
N ASN B 114 -12.08 12.65 -21.60
CA ASN B 114 -13.42 12.67 -22.19
C ASN B 114 -14.07 14.04 -22.33
N LEU B 115 -14.01 14.59 -23.54
CA LEU B 115 -14.81 15.74 -23.91
C LEU B 115 -16.18 15.22 -24.32
N VAL B 116 -16.18 14.10 -25.04
CA VAL B 116 -17.40 13.46 -25.51
C VAL B 116 -17.38 11.97 -25.20
N TRP B 117 -18.36 11.51 -24.42
CA TRP B 117 -18.49 10.09 -24.12
C TRP B 117 -19.96 9.69 -24.11
N HIS B 118 -20.21 8.38 -24.17
CA HIS B 118 -21.57 7.86 -24.18
C HIS B 118 -22.05 7.51 -22.78
N SER B 119 -21.12 7.46 -21.83
CA SER B 119 -21.44 7.10 -20.46
C SER B 119 -21.32 8.31 -19.53
N GLN B 120 -22.07 8.26 -18.42
CA GLN B 120 -22.08 9.33 -17.43
C GLN B 120 -22.41 10.69 -18.02
N VAL B 121 -23.43 10.72 -18.86
CA VAL B 121 -23.91 11.95 -19.48
C VAL B 121 -25.38 12.14 -19.14
N PRO B 122 -25.73 13.33 -18.62
CA PRO B 122 -27.12 13.64 -18.25
C PRO B 122 -28.08 13.48 -19.42
N LYS B 123 -29.29 13.02 -19.14
CA LYS B 123 -30.26 12.71 -20.19
C LYS B 123 -30.81 13.95 -20.87
N GLU B 124 -30.77 15.08 -20.17
CA GLU B 124 -31.30 16.34 -20.68
C GLU B 124 -30.50 16.85 -21.88
N VAL B 125 -29.31 16.29 -22.09
CA VAL B 125 -28.47 16.67 -23.21
C VAL B 125 -29.12 16.26 -24.54
N PHE B 126 -29.66 15.05 -24.58
CA PHE B 126 -30.24 14.51 -25.81
C PHE B 126 -31.74 14.79 -25.91
N LEU B 127 -32.21 15.83 -25.23
CA LEU B 127 -33.63 16.16 -25.24
C LEU B 127 -33.86 17.60 -25.70
N ASN B 128 -35.06 17.88 -26.19
CA ASN B 128 -35.45 19.24 -26.52
C ASN B 128 -36.18 19.90 -25.35
N GLU B 129 -36.93 20.96 -25.63
CA GLU B 129 -37.59 21.71 -24.56
C GLU B 129 -38.88 21.05 -24.10
N SER B 130 -39.36 20.08 -24.87
CA SER B 130 -40.63 19.43 -24.56
C SER B 130 -40.46 17.97 -24.18
N GLY B 131 -39.21 17.54 -24.04
CA GLY B 131 -38.93 16.17 -23.64
C GLY B 131 -38.73 15.23 -24.82
N GLY B 132 -38.91 15.76 -26.03
CA GLY B 132 -38.69 14.98 -27.23
C GLY B 132 -37.20 14.88 -27.52
N THR B 133 -36.84 14.02 -28.47
CA THR B 133 -35.45 13.82 -28.82
C THR B 133 -34.88 15.05 -29.52
N ILE B 134 -33.69 15.46 -29.12
CA ILE B 134 -33.02 16.63 -29.68
C ILE B 134 -32.67 16.38 -31.15
N SER B 135 -32.57 17.46 -31.92
CA SER B 135 -32.23 17.35 -33.34
C SER B 135 -30.72 17.25 -33.54
N LYS B 136 -30.33 16.82 -34.72
CA LYS B 136 -28.92 16.70 -35.09
C LYS B 136 -28.20 18.04 -35.01
N GLU B 137 -28.83 19.09 -35.52
CA GLU B 137 -28.24 20.42 -35.53
C GLU B 137 -28.10 20.97 -34.11
N ALA B 138 -29.12 20.76 -33.29
CA ALA B 138 -29.12 21.26 -31.93
C ALA B 138 -28.14 20.51 -31.02
N LEU B 139 -28.08 19.19 -31.19
CA LEU B 139 -27.16 18.36 -30.41
C LEU B 139 -25.72 18.72 -30.75
N THR B 140 -25.47 19.00 -32.02
CA THR B 140 -24.14 19.40 -32.47
C THR B 140 -23.71 20.67 -31.74
N ALA B 141 -24.64 21.62 -31.60
CA ALA B 141 -24.35 22.87 -30.91
C ALA B 141 -23.98 22.62 -29.45
N LYS B 142 -24.69 21.70 -28.80
CA LYS B 142 -24.40 21.36 -27.41
C LYS B 142 -22.98 20.83 -27.25
N MET B 143 -22.59 19.93 -28.14
CA MET B 143 -21.27 19.32 -28.10
C MET B 143 -20.17 20.37 -28.25
N GLN B 144 -20.29 21.22 -29.27
CA GLN B 144 -19.28 22.24 -29.53
C GLN B 144 -19.22 23.27 -28.41
N ASP B 145 -20.37 23.57 -27.81
CA ASP B 145 -20.42 24.48 -26.68
C ASP B 145 -19.78 23.86 -25.45
N HIS B 146 -19.97 22.54 -25.29
CA HIS B 146 -19.37 21.81 -24.18
C HIS B 146 -17.86 21.78 -24.33
N ILE B 147 -17.38 21.55 -25.55
CA ILE B 147 -15.96 21.50 -25.84
C ILE B 147 -15.32 22.88 -25.70
N ALA B 148 -15.97 23.90 -26.25
CA ALA B 148 -15.46 25.26 -26.18
C ALA B 148 -15.30 25.76 -24.75
N THR B 149 -16.20 25.31 -23.88
CA THR B 149 -16.18 25.71 -22.48
C THR B 149 -15.13 24.93 -21.69
N LEU B 150 -15.15 23.61 -21.85
CA LEU B 150 -14.26 22.73 -21.10
C LEU B 150 -12.80 22.86 -21.53
N ALA B 151 -12.55 22.71 -22.83
CA ALA B 151 -11.20 22.81 -23.35
C ALA B 151 -10.68 24.24 -23.32
N GLY B 152 -11.61 25.20 -23.34
CA GLY B 152 -11.25 26.61 -23.33
C GLY B 152 -10.75 27.08 -21.97
N ARG B 153 -11.33 26.53 -20.92
CA ARG B 153 -10.96 26.91 -19.56
C ARG B 153 -9.53 26.49 -19.23
N TYR B 154 -9.12 25.34 -19.76
CA TYR B 154 -7.78 24.83 -19.50
C TYR B 154 -6.91 24.89 -20.75
N LYS B 155 -7.07 25.96 -21.53
CA LYS B 155 -6.30 26.16 -22.73
C LYS B 155 -4.83 26.44 -22.41
N GLY B 156 -3.94 25.57 -22.88
CA GLY B 156 -2.52 25.73 -22.67
C GLY B 156 -2.05 25.09 -21.37
N ARG B 157 -3.00 24.57 -20.60
CA ARG B 157 -2.69 23.94 -19.32
C ARG B 157 -2.81 22.42 -19.41
N ILE B 158 -3.59 21.96 -20.39
CA ILE B 158 -3.74 20.52 -20.63
C ILE B 158 -3.00 20.10 -21.90
N GLN B 159 -2.15 19.08 -21.77
CA GLN B 159 -1.30 18.65 -22.88
C GLN B 159 -1.97 17.63 -23.81
N ALA B 160 -2.91 16.87 -23.27
CA ALA B 160 -3.58 15.84 -24.06
C ALA B 160 -5.06 15.71 -23.73
N TRP B 161 -5.88 15.54 -24.76
CA TRP B 161 -7.33 15.42 -24.57
C TRP B 161 -7.89 14.13 -25.17
N ASP B 162 -8.69 13.43 -24.37
CA ASP B 162 -9.49 12.32 -24.88
C ASP B 162 -10.74 12.91 -25.51
N VAL B 163 -10.66 13.24 -26.79
CA VAL B 163 -11.76 13.91 -27.48
C VAL B 163 -13.00 13.02 -27.55
N VAL B 164 -12.84 11.83 -28.11
CA VAL B 164 -13.93 10.86 -28.20
C VAL B 164 -13.51 9.53 -27.59
N ASN B 165 -14.38 8.97 -26.76
CA ASN B 165 -14.06 7.72 -26.06
C ASN B 165 -15.04 6.60 -26.36
N GLU B 166 -14.51 5.44 -26.73
CA GLU B 166 -15.30 4.23 -26.92
C GLU B 166 -16.45 4.39 -27.90
N ALA B 167 -16.13 4.78 -29.13
CA ALA B 167 -17.15 5.03 -30.15
C ALA B 167 -17.37 3.81 -31.03
N VAL B 168 -16.43 2.88 -30.98
CA VAL B 168 -16.49 1.68 -31.81
C VAL B 168 -17.10 0.50 -31.06
N GLU B 169 -18.11 -0.11 -31.67
CA GLU B 169 -18.76 -1.28 -31.09
C GLU B 169 -17.90 -2.52 -31.32
N ASP B 170 -17.96 -3.47 -30.39
CA ASP B 170 -17.12 -4.66 -30.45
C ASP B 170 -17.46 -5.62 -31.60
N ASP B 171 -18.65 -5.44 -32.19
CA ASP B 171 -19.07 -6.29 -33.28
C ASP B 171 -18.39 -5.93 -34.60
N GLY B 172 -17.86 -4.72 -34.68
CA GLY B 172 -17.25 -4.22 -35.90
C GLY B 172 -18.07 -3.13 -36.54
N SER B 173 -18.75 -2.35 -35.71
CA SER B 173 -19.55 -1.23 -36.19
C SER B 173 -19.46 -0.06 -35.21
N TRP B 174 -20.36 0.90 -35.34
CA TRP B 174 -20.40 2.05 -34.45
C TRP B 174 -21.26 1.79 -33.23
N ARG B 175 -20.78 2.23 -32.06
CA ARG B 175 -21.56 2.10 -30.83
C ARG B 175 -22.84 2.92 -30.94
N LYS B 176 -23.97 2.27 -30.72
CA LYS B 176 -25.27 2.92 -30.87
C LYS B 176 -25.58 3.89 -29.73
N SER B 177 -24.66 4.82 -29.49
CA SER B 177 -24.86 5.86 -28.50
C SER B 177 -25.76 6.95 -29.09
N PRO B 178 -26.41 7.75 -28.22
CA PRO B 178 -27.24 8.85 -28.69
C PRO B 178 -26.48 9.82 -29.60
N TRP B 179 -25.17 9.93 -29.41
CA TRP B 179 -24.34 10.76 -30.26
C TRP B 179 -24.36 10.25 -31.70
N TYR B 180 -24.16 8.95 -31.88
CA TYR B 180 -24.12 8.35 -33.20
C TYR B 180 -25.52 8.21 -33.81
N ASN B 181 -26.49 7.86 -32.99
CA ASN B 181 -27.87 7.67 -33.44
C ASN B 181 -28.49 8.94 -34.01
N ILE B 182 -27.96 10.09 -33.61
CA ILE B 182 -28.53 11.37 -34.01
C ILE B 182 -27.62 12.15 -34.96
N MET B 183 -26.35 12.27 -34.59
CA MET B 183 -25.40 13.07 -35.36
C MET B 183 -24.66 12.25 -36.41
N GLY B 184 -24.74 10.93 -36.30
CA GLY B 184 -23.97 10.05 -37.16
C GLY B 184 -22.57 9.92 -36.61
N GLU B 185 -21.71 9.18 -37.31
CA GLU B 185 -20.34 8.96 -36.84
C GLU B 185 -19.48 10.21 -37.07
N ASP B 186 -20.05 11.20 -37.74
CA ASP B 186 -19.31 12.42 -38.05
C ASP B 186 -19.22 13.36 -36.84
N PHE B 187 -19.79 12.92 -35.71
CA PHE B 187 -19.68 13.69 -34.49
C PHE B 187 -18.24 13.65 -33.98
N ILE B 188 -17.53 12.59 -34.36
CA ILE B 188 -16.13 12.43 -34.00
C ILE B 188 -15.27 13.46 -34.72
N ALA B 189 -15.52 13.61 -36.02
CA ALA B 189 -14.80 14.59 -36.82
C ALA B 189 -15.04 16.01 -36.32
N LYS B 190 -16.28 16.30 -35.96
CA LYS B 190 -16.64 17.62 -35.46
C LYS B 190 -16.02 17.90 -34.10
N ALA B 191 -15.93 16.86 -33.28
CA ALA B 191 -15.38 16.99 -31.94
C ALA B 191 -13.88 17.30 -31.96
N PHE B 192 -13.14 16.56 -32.80
CA PHE B 192 -11.71 16.80 -32.96
C PHE B 192 -11.43 18.16 -33.58
N THR B 193 -12.26 18.54 -34.56
CA THR B 193 -12.11 19.82 -35.23
C THR B 193 -12.31 20.97 -34.27
N MET B 194 -13.32 20.82 -33.41
CA MET B 194 -13.63 21.85 -32.42
C MET B 194 -12.53 21.97 -31.37
N ALA B 195 -12.07 20.82 -30.87
CA ALA B 195 -11.04 20.80 -29.84
C ALA B 195 -9.73 21.42 -30.32
N HIS B 196 -9.35 21.08 -31.55
CA HIS B 196 -8.12 21.62 -32.14
C HIS B 196 -8.26 23.12 -32.40
N GLU B 197 -9.49 23.58 -32.62
CA GLU B 197 -9.73 25.00 -32.82
C GLU B 197 -9.58 25.73 -31.49
N VAL B 198 -10.12 25.13 -30.43
CA VAL B 198 -10.05 25.70 -29.10
C VAL B 198 -8.61 25.71 -28.56
N ASP B 199 -7.94 24.57 -28.66
CA ASP B 199 -6.56 24.45 -28.19
C ASP B 199 -5.69 23.77 -29.24
N PRO B 200 -5.10 24.58 -30.14
CA PRO B 200 -4.32 24.07 -31.28
C PRO B 200 -3.00 23.42 -30.90
N LYS B 201 -2.55 23.62 -29.65
CA LYS B 201 -1.29 23.02 -29.21
C LYS B 201 -1.49 21.77 -28.37
N ALA B 202 -2.74 21.34 -28.25
CA ALA B 202 -3.07 20.16 -27.45
C ALA B 202 -3.04 18.89 -28.29
N HIS B 203 -2.66 17.79 -27.66
CA HIS B 203 -2.61 16.49 -28.32
C HIS B 203 -3.98 15.83 -28.23
N LEU B 204 -4.61 15.63 -29.39
CA LEU B 204 -5.97 15.08 -29.43
C LEU B 204 -5.95 13.57 -29.64
N ILE B 205 -6.66 12.86 -28.77
CA ILE B 205 -6.61 11.40 -28.76
C ILE B 205 -7.99 10.76 -28.84
N TYR B 206 -8.12 9.74 -29.68
CA TYR B 206 -9.27 8.86 -29.62
C TYR B 206 -8.94 7.69 -28.70
N ASN B 207 -9.79 7.44 -27.72
CA ASN B 207 -9.54 6.39 -26.75
C ASN B 207 -10.58 5.28 -26.85
N ASP B 208 -10.12 4.03 -26.77
CA ASP B 208 -11.01 2.89 -26.83
C ASP B 208 -10.35 1.65 -26.23
N TYR B 209 -11.17 0.67 -25.84
CA TYR B 209 -10.66 -0.57 -25.28
C TYR B 209 -10.77 -1.71 -26.30
N ASN B 210 -10.31 -2.89 -25.88
CA ASN B 210 -10.37 -4.09 -26.71
C ASN B 210 -9.68 -3.90 -28.05
N THR B 211 -8.52 -3.23 -28.02
CA THR B 211 -7.77 -2.94 -29.23
C THR B 211 -7.01 -4.16 -29.76
N GLU B 212 -6.96 -5.22 -28.96
CA GLU B 212 -6.29 -6.44 -29.38
C GLU B 212 -7.25 -7.37 -30.11
N SER B 213 -8.49 -6.94 -30.25
CA SER B 213 -9.48 -7.65 -31.03
C SER B 213 -9.34 -7.27 -32.49
N PRO B 214 -8.92 -8.23 -33.33
CA PRO B 214 -8.64 -8.03 -34.76
C PRO B 214 -9.77 -7.33 -35.49
N ILE B 215 -11.01 -7.68 -35.17
CA ILE B 215 -12.16 -7.04 -35.78
C ILE B 215 -12.29 -5.58 -35.35
N LYS B 216 -12.20 -5.34 -34.05
CA LYS B 216 -12.32 -3.99 -33.52
C LYS B 216 -11.11 -3.15 -33.87
N ARG B 217 -9.95 -3.79 -33.93
CA ARG B 217 -8.71 -3.09 -34.27
C ARG B 217 -8.75 -2.58 -35.70
N ASN B 218 -9.25 -3.41 -36.62
CA ASN B 218 -9.37 -3.02 -38.02
C ASN B 218 -10.32 -1.83 -38.21
N PHE B 219 -11.42 -1.84 -37.45
CA PHE B 219 -12.40 -0.77 -37.54
C PHE B 219 -11.81 0.54 -37.03
N ILE B 220 -11.08 0.47 -35.92
CA ILE B 220 -10.46 1.64 -35.32
C ILE B 220 -9.41 2.27 -36.23
N VAL B 221 -8.48 1.45 -36.71
CA VAL B 221 -7.43 1.94 -37.59
C VAL B 221 -7.98 2.40 -38.93
N GLY B 222 -9.10 1.82 -39.34
CA GLY B 222 -9.75 2.21 -40.57
C GLY B 222 -10.45 3.54 -40.42
N MET B 223 -11.13 3.70 -39.28
CA MET B 223 -11.82 4.94 -38.96
C MET B 223 -10.85 6.09 -38.82
N ILE B 224 -9.75 5.86 -38.09
CA ILE B 224 -8.72 6.86 -37.89
C ILE B 224 -8.08 7.30 -39.21
N LYS B 225 -7.69 6.33 -40.04
CA LYS B 225 -7.09 6.63 -41.33
C LYS B 225 -8.03 7.44 -42.22
N ASN B 226 -9.32 7.14 -42.13
CA ASN B 226 -10.32 7.83 -42.94
C ASN B 226 -10.48 9.29 -42.53
N PHE B 227 -10.56 9.53 -41.22
CA PHE B 227 -10.72 10.90 -40.70
C PHE B 227 -9.50 11.76 -41.02
N LYS B 228 -8.31 11.25 -40.76
CA LYS B 228 -7.07 11.98 -41.01
C LYS B 228 -6.90 12.31 -42.49
N LYS B 229 -7.46 11.46 -43.35
CA LYS B 229 -7.40 11.70 -44.79
C LYS B 229 -8.35 12.83 -45.18
N GLN B 230 -9.38 13.03 -44.36
CA GLN B 230 -10.34 14.10 -44.58
C GLN B 230 -9.85 15.40 -43.96
N GLY B 231 -8.76 15.32 -43.19
CA GLY B 231 -8.17 16.50 -42.59
C GLY B 231 -8.42 16.64 -41.11
N VAL B 232 -9.11 15.65 -40.53
CA VAL B 232 -9.42 15.67 -39.11
C VAL B 232 -8.16 15.54 -38.26
N PRO B 233 -7.93 16.50 -37.36
CA PRO B 233 -6.73 16.56 -36.53
C PRO B 233 -6.74 15.53 -35.39
N ILE B 234 -6.56 14.26 -35.74
CA ILE B 234 -6.42 13.22 -34.74
C ILE B 234 -4.95 12.89 -34.56
N HIS B 235 -4.39 13.27 -33.41
CA HIS B 235 -2.96 13.18 -33.18
C HIS B 235 -2.51 11.81 -32.71
N GLY B 236 -3.39 11.09 -32.02
CA GLY B 236 -3.04 9.78 -31.50
C GLY B 236 -4.23 8.92 -31.10
N VAL B 237 -3.97 7.62 -30.95
CA VAL B 237 -5.00 6.69 -30.52
C VAL B 237 -4.61 6.06 -29.18
N GLY B 238 -5.55 6.05 -28.24
CA GLY B 238 -5.28 5.54 -26.92
C GLY B 238 -5.79 4.13 -26.70
N MET B 239 -4.87 3.23 -26.37
CA MET B 239 -5.22 1.87 -26.00
C MET B 239 -5.47 1.80 -24.50
N GLN B 240 -6.68 1.40 -24.11
CA GLN B 240 -7.03 1.32 -22.70
C GLN B 240 -6.24 0.21 -22.01
N GLU B 241 -6.04 -0.90 -22.70
CA GLU B 241 -5.24 -2.01 -22.20
C GLU B 241 -5.72 -2.56 -20.86
N HIS B 242 -7.02 -2.74 -20.73
CA HIS B 242 -7.57 -3.43 -19.56
C HIS B 242 -7.37 -4.92 -19.73
N LEU B 243 -6.12 -5.36 -19.53
CA LEU B 243 -5.74 -6.74 -19.83
C LEU B 243 -5.99 -7.68 -18.66
N ALA B 244 -5.82 -8.97 -18.91
CA ALA B 244 -5.93 -9.98 -17.87
C ALA B 244 -4.56 -10.60 -17.61
N ILE B 245 -4.49 -11.45 -16.58
CA ILE B 245 -3.23 -12.08 -16.20
C ILE B 245 -2.77 -13.07 -17.27
N ASP B 246 -3.71 -13.62 -18.02
CA ASP B 246 -3.41 -14.66 -19.00
C ASP B 246 -3.50 -14.17 -20.45
N GLY B 247 -4.42 -13.26 -20.71
CA GLY B 247 -4.62 -12.73 -22.05
C GLY B 247 -4.88 -11.24 -22.09
N PRO B 248 -4.68 -10.62 -23.27
CA PRO B 248 -4.20 -11.28 -24.48
C PRO B 248 -2.68 -11.36 -24.53
N SER B 249 -2.15 -11.97 -25.58
CA SER B 249 -0.71 -12.13 -25.72
C SER B 249 -0.04 -10.78 -26.03
N VAL B 250 1.27 -10.72 -25.84
CA VAL B 250 2.03 -9.52 -26.15
C VAL B 250 2.18 -9.35 -27.66
N ASP B 251 1.98 -10.44 -28.39
CA ASP B 251 2.07 -10.41 -29.85
C ASP B 251 0.91 -9.62 -30.42
N GLU B 252 -0.26 -9.77 -29.82
CA GLU B 252 -1.45 -9.04 -30.26
C GLU B 252 -1.33 -7.55 -29.94
N ILE B 253 -0.76 -7.25 -28.79
CA ILE B 253 -0.51 -5.86 -28.40
C ILE B 253 0.48 -5.21 -29.35
N GLU B 254 1.51 -5.96 -29.73
CA GLU B 254 2.52 -5.47 -30.66
C GLU B 254 1.92 -5.16 -32.03
N LYS B 255 0.98 -5.99 -32.46
CA LYS B 255 0.30 -5.78 -33.73
C LYS B 255 -0.46 -4.47 -33.74
N THR B 256 -1.09 -4.15 -32.62
CA THR B 256 -1.84 -2.91 -32.49
C THR B 256 -0.90 -1.71 -32.56
N LEU B 257 0.26 -1.84 -31.94
CA LEU B 257 1.27 -0.78 -31.98
C LEU B 257 1.78 -0.54 -33.39
N ILE B 258 2.03 -1.63 -34.12
CA ILE B 258 2.50 -1.54 -35.50
C ILE B 258 1.41 -0.93 -36.38
N ALA B 259 0.16 -1.34 -36.15
CA ALA B 259 -0.97 -0.84 -36.91
C ALA B 259 -1.17 0.66 -36.68
N LEU B 260 -1.01 1.09 -35.44
CA LEU B 260 -1.16 2.50 -35.09
C LEU B 260 -0.03 3.35 -35.68
N ALA B 261 1.19 2.80 -35.65
CA ALA B 261 2.33 3.48 -36.22
C ALA B 261 2.16 3.65 -37.72
N ASP B 262 1.54 2.65 -38.35
CA ASP B 262 1.24 2.71 -39.78
C ASP B 262 0.20 3.78 -40.07
N ALA B 263 -0.72 3.99 -39.12
CA ALA B 263 -1.79 4.96 -39.29
C ALA B 263 -1.29 6.40 -39.13
N GLY B 264 -0.06 6.54 -38.64
CA GLY B 264 0.54 7.85 -38.47
C GLY B 264 0.07 8.56 -37.22
N VAL B 265 -0.36 7.78 -36.23
CA VAL B 265 -0.82 8.34 -34.96
C VAL B 265 0.09 7.94 -33.81
N ARG B 266 0.03 8.70 -32.72
CA ARG B 266 0.83 8.43 -31.55
C ARG B 266 0.13 7.41 -30.65
N ALA B 267 0.85 6.36 -30.28
CA ALA B 267 0.30 5.32 -29.42
C ALA B 267 0.28 5.75 -27.96
N HIS B 268 -0.84 5.51 -27.29
CA HIS B 268 -0.98 5.87 -25.89
C HIS B 268 -1.60 4.73 -25.10
N ILE B 269 -0.91 4.31 -24.04
CA ILE B 269 -1.50 3.37 -23.09
C ILE B 269 -2.20 4.19 -22.01
N THR B 270 -3.51 4.07 -21.95
CA THR B 270 -4.32 5.02 -21.18
C THR B 270 -4.86 4.51 -19.84
N GLU B 271 -5.32 3.26 -19.80
CA GLU B 271 -5.95 2.73 -18.60
C GLU B 271 -5.41 1.35 -18.23
N LEU B 272 -4.10 1.22 -18.16
CA LEU B 272 -3.44 -0.08 -17.98
C LEU B 272 -3.69 -0.71 -16.61
N ASP B 273 -4.22 -1.93 -16.61
CA ASP B 273 -4.36 -2.72 -15.39
C ASP B 273 -4.48 -4.21 -15.73
N ILE B 274 -4.16 -5.06 -14.76
CA ILE B 274 -4.15 -6.50 -14.99
C ILE B 274 -5.09 -7.27 -14.06
N ASP B 275 -6.23 -7.68 -14.59
CA ASP B 275 -7.18 -8.47 -13.81
C ASP B 275 -6.66 -9.89 -13.63
N VAL B 276 -6.33 -10.24 -12.39
CA VAL B 276 -5.74 -11.53 -12.08
C VAL B 276 -6.77 -12.53 -11.54
N LEU B 277 -7.95 -12.03 -11.20
CA LEU B 277 -9.03 -12.87 -10.68
C LEU B 277 -9.64 -13.72 -11.79
N PRO B 278 -10.14 -14.92 -11.45
CA PRO B 278 -10.76 -15.82 -12.42
C PRO B 278 -11.99 -15.21 -13.09
N SER B 279 -12.30 -15.66 -14.30
CA SER B 279 -13.41 -15.12 -15.08
C SER B 279 -14.30 -16.21 -15.65
N VAL B 280 -15.61 -16.10 -15.41
CA VAL B 280 -16.58 -17.04 -15.96
C VAL B 280 -16.97 -16.60 -17.37
N TRP B 281 -17.05 -15.28 -17.55
CA TRP B 281 -17.38 -14.67 -18.84
C TRP B 281 -16.28 -14.94 -19.87
N ASN B 282 -16.67 -15.00 -21.14
CA ASN B 282 -15.73 -15.29 -22.21
C ASN B 282 -15.20 -14.03 -22.92
N LEU B 283 -15.79 -12.89 -22.58
CA LEU B 283 -15.39 -11.62 -23.17
C LEU B 283 -14.41 -10.89 -22.25
N PRO B 284 -13.61 -9.97 -22.80
CA PRO B 284 -12.75 -9.12 -21.96
C PRO B 284 -13.59 -8.31 -20.96
N THR B 285 -13.03 -8.03 -19.79
CA THR B 285 -13.76 -7.40 -18.70
C THR B 285 -14.24 -5.99 -19.02
N ALA B 286 -13.70 -5.39 -20.06
CA ALA B 286 -14.04 -4.01 -20.41
C ALA B 286 -15.32 -3.90 -21.24
N GLU B 287 -15.74 -5.00 -21.86
CA GLU B 287 -16.96 -4.99 -22.65
C GLU B 287 -18.09 -5.80 -22.00
N VAL B 288 -17.98 -5.99 -20.69
CA VAL B 288 -19.01 -6.70 -19.93
C VAL B 288 -20.14 -5.74 -19.54
N SER B 289 -21.37 -6.09 -19.94
CA SER B 289 -22.52 -5.23 -19.67
C SER B 289 -23.47 -5.85 -18.65
N THR B 290 -22.93 -6.74 -17.81
CA THR B 290 -23.75 -7.42 -16.81
C THR B 290 -22.96 -7.76 -15.55
N ARG B 291 -23.57 -7.49 -14.40
CA ARG B 291 -22.95 -7.78 -13.11
C ARG B 291 -23.14 -9.25 -12.75
N PHE B 292 -22.06 -9.91 -12.38
CA PHE B 292 -22.09 -11.32 -12.00
C PHE B 292 -22.17 -11.49 -10.49
N GLU B 293 -22.76 -12.60 -10.05
CA GLU B 293 -22.94 -12.86 -8.63
C GLU B 293 -21.62 -13.20 -7.95
N TYR B 294 -21.61 -13.13 -6.62
CA TYR B 294 -20.41 -13.39 -5.84
C TYR B 294 -20.33 -14.85 -5.38
N LYS B 295 -19.30 -15.54 -5.83
CA LYS B 295 -19.02 -16.89 -5.38
C LYS B 295 -17.61 -16.92 -4.80
N PRO B 296 -17.42 -17.61 -3.67
CA PRO B 296 -16.15 -17.64 -2.94
C PRO B 296 -14.98 -18.17 -3.77
N GLU B 297 -15.27 -19.02 -4.76
CA GLU B 297 -14.23 -19.56 -5.62
C GLU B 297 -13.79 -18.55 -6.68
N ARG B 298 -14.60 -17.50 -6.85
CA ARG B 298 -14.29 -16.44 -7.80
C ARG B 298 -13.52 -15.31 -7.12
N ASP B 299 -13.41 -15.39 -5.80
CA ASP B 299 -12.64 -14.44 -5.01
C ASP B 299 -11.72 -15.19 -4.05
N PRO B 300 -10.64 -15.78 -4.58
CA PRO B 300 -9.78 -16.69 -3.81
C PRO B 300 -8.58 -16.02 -3.14
N TYR B 301 -8.46 -14.71 -3.26
CA TYR B 301 -7.28 -14.01 -2.73
C TYR B 301 -7.66 -12.91 -1.75
N ILE B 302 -8.64 -13.19 -0.89
CA ILE B 302 -9.12 -12.22 0.08
C ILE B 302 -8.05 -11.92 1.14
N GLN B 303 -7.33 -12.96 1.55
CA GLN B 303 -6.33 -12.82 2.62
C GLN B 303 -4.97 -12.39 2.09
N GLY B 304 -4.88 -12.17 0.78
CA GLY B 304 -3.63 -11.72 0.18
C GLY B 304 -3.29 -12.48 -1.09
N LEU B 305 -2.47 -11.86 -1.94
CA LEU B 305 -2.03 -12.48 -3.17
C LEU B 305 -0.74 -13.27 -2.94
N PRO B 306 -0.78 -14.59 -3.18
CA PRO B 306 0.36 -15.48 -2.97
C PRO B 306 1.58 -15.04 -3.77
N LYS B 307 2.77 -15.45 -3.31
CA LYS B 307 4.02 -15.01 -3.92
C LYS B 307 4.16 -15.44 -5.39
N ASP B 308 3.74 -16.67 -5.68
CA ASP B 308 3.83 -17.19 -7.05
C ASP B 308 2.93 -16.41 -7.99
N MET B 309 1.85 -15.86 -7.45
CA MET B 309 0.94 -15.01 -8.21
C MET B 309 1.51 -13.60 -8.37
N GLU B 310 2.18 -13.12 -7.32
CA GLU B 310 2.85 -11.83 -7.37
C GLU B 310 3.95 -11.84 -8.44
N GLU B 311 4.67 -12.97 -8.51
CA GLU B 311 5.69 -13.15 -9.52
C GLU B 311 5.06 -13.32 -10.91
N LYS B 312 3.93 -14.02 -10.95
CA LYS B 312 3.20 -14.21 -12.19
C LYS B 312 2.70 -12.88 -12.73
N LEU B 313 2.30 -11.99 -11.81
CA LEU B 313 1.86 -10.65 -12.17
C LEU B 313 3.05 -9.82 -12.60
N ALA B 314 4.16 -9.96 -11.89
CA ALA B 314 5.39 -9.25 -12.23
C ALA B 314 5.90 -9.70 -13.60
N LYS B 315 5.76 -10.99 -13.87
CA LYS B 315 6.15 -11.55 -15.16
C LYS B 315 5.25 -11.00 -16.26
N ARG B 316 3.98 -10.80 -15.93
CA ARG B 316 3.02 -10.24 -16.88
C ARG B 316 3.40 -8.80 -17.22
N TYR B 317 3.49 -7.95 -16.20
CA TYR B 317 3.86 -6.55 -16.37
C TYR B 317 5.18 -6.37 -17.12
N GLU B 318 6.13 -7.28 -16.87
CA GLU B 318 7.44 -7.20 -17.48
C GLU B 318 7.36 -7.44 -18.99
N ASP B 319 6.68 -8.51 -19.38
CA ASP B 319 6.55 -8.87 -20.79
C ASP B 319 5.79 -7.80 -21.57
N ILE B 320 4.85 -7.14 -20.90
CA ILE B 320 4.09 -6.07 -21.54
C ILE B 320 4.98 -4.86 -21.82
N PHE B 321 5.75 -4.46 -20.82
CA PHE B 321 6.62 -3.29 -20.96
C PHE B 321 7.79 -3.52 -21.92
N LYS B 322 8.22 -4.76 -22.06
CA LYS B 322 9.27 -5.09 -23.01
C LYS B 322 8.80 -4.87 -24.45
N ILE B 323 7.48 -4.92 -24.65
CA ILE B 323 6.90 -4.60 -25.95
C ILE B 323 6.77 -3.08 -26.09
N TYR B 324 6.34 -2.42 -25.02
CA TYR B 324 6.22 -0.97 -25.01
C TYR B 324 7.57 -0.32 -25.27
N LEU B 325 8.61 -0.86 -24.63
CA LEU B 325 9.96 -0.34 -24.81
C LEU B 325 10.48 -0.61 -26.22
N LYS B 326 10.05 -1.73 -26.79
CA LYS B 326 10.48 -2.12 -28.12
C LYS B 326 9.97 -1.13 -29.15
N HIS B 327 8.81 -0.54 -28.88
CA HIS B 327 8.22 0.45 -29.76
C HIS B 327 8.10 1.80 -29.06
N ARG B 328 9.16 2.19 -28.36
CA ARG B 328 9.14 3.40 -27.56
C ARG B 328 9.08 4.68 -28.39
N ASP B 329 9.53 4.61 -29.64
CA ASP B 329 9.53 5.77 -30.52
C ASP B 329 8.12 6.19 -30.92
N LYS B 330 7.21 5.22 -30.98
CA LYS B 330 5.85 5.49 -31.41
C LYS B 330 4.88 5.55 -30.24
N ILE B 331 5.40 5.42 -29.03
CA ILE B 331 4.58 5.52 -27.83
C ILE B 331 4.98 6.76 -27.01
N GLU B 332 3.98 7.53 -26.59
CA GLU B 332 4.22 8.75 -25.84
C GLU B 332 4.07 8.55 -24.34
N ARG B 333 3.09 7.74 -23.94
CA ARG B 333 2.73 7.63 -22.53
C ARG B 333 2.09 6.29 -22.18
N VAL B 334 2.51 5.73 -21.04
CA VAL B 334 1.89 4.54 -20.49
C VAL B 334 1.27 4.87 -19.14
N THR B 335 -0.06 4.78 -19.06
CA THR B 335 -0.78 5.16 -17.87
C THR B 335 -1.51 3.98 -17.25
N LEU B 336 -1.29 3.78 -15.94
CA LEU B 336 -2.01 2.75 -15.21
C LEU B 336 -3.29 3.35 -14.60
N TRP B 337 -4.38 2.62 -14.69
CA TRP B 337 -5.66 3.11 -14.20
C TRP B 337 -5.75 3.00 -12.69
N GLY B 338 -5.14 3.96 -12.00
CA GLY B 338 -5.06 3.95 -10.55
C GLY B 338 -3.64 3.73 -10.09
N THR B 339 -3.36 4.07 -8.84
CA THR B 339 -2.02 3.91 -8.30
C THR B 339 -1.89 2.64 -7.45
N ALA B 340 -2.87 2.43 -6.57
CA ALA B 340 -2.83 1.29 -5.66
C ALA B 340 -4.06 0.39 -5.82
N ASP B 341 -3.94 -0.87 -5.41
CA ASP B 341 -4.99 -1.86 -5.61
C ASP B 341 -6.26 -1.62 -4.80
N ASN B 342 -6.27 -0.58 -3.97
CA ASN B 342 -7.43 -0.28 -3.15
C ASN B 342 -8.38 0.70 -3.84
N GLU B 343 -7.93 1.27 -4.94
CA GLU B 343 -8.72 2.28 -5.65
C GLU B 343 -9.03 1.85 -7.09
N THR B 344 -9.05 0.53 -7.32
CA THR B 344 -9.32 0.01 -8.66
C THR B 344 -10.77 -0.44 -8.81
N TRP B 345 -11.30 -0.31 -10.02
CA TRP B 345 -12.68 -0.66 -10.31
C TRP B 345 -12.86 -2.17 -10.44
N LEU B 346 -11.74 -2.89 -10.58
CA LEU B 346 -11.77 -4.33 -10.76
C LEU B 346 -12.10 -5.08 -9.48
N ASN B 347 -12.19 -4.36 -8.36
CA ASN B 347 -12.57 -4.95 -7.10
C ASN B 347 -14.08 -5.22 -7.01
N ASP B 348 -14.86 -4.40 -7.70
CA ASP B 348 -16.32 -4.50 -7.63
C ASP B 348 -16.95 -4.82 -8.97
N PHE B 349 -16.12 -5.00 -10.00
CA PHE B 349 -16.62 -5.32 -11.33
C PHE B 349 -15.67 -6.29 -12.03
N PRO B 350 -16.22 -7.28 -12.76
CA PRO B 350 -17.65 -7.56 -12.96
C PRO B 350 -18.34 -8.20 -11.77
N ILE B 351 -17.62 -8.40 -10.67
CA ILE B 351 -18.20 -8.97 -9.46
C ILE B 351 -17.92 -8.09 -8.24
N LYS B 352 -18.98 -7.69 -7.54
CA LYS B 352 -18.86 -6.82 -6.39
C LYS B 352 -18.33 -7.55 -5.15
N GLY B 353 -17.37 -6.93 -4.47
CA GLY B 353 -16.86 -7.45 -3.22
C GLY B 353 -15.62 -8.31 -3.36
N ARG B 354 -15.03 -8.33 -4.55
CA ARG B 354 -13.83 -9.12 -4.79
C ARG B 354 -12.56 -8.34 -4.44
N THR B 355 -11.48 -9.08 -4.21
CA THR B 355 -10.19 -8.48 -3.88
C THR B 355 -9.19 -8.70 -5.01
N ASN B 356 -9.02 -7.68 -5.85
CA ASN B 356 -8.15 -7.79 -7.01
C ASN B 356 -6.82 -7.07 -6.79
N TYR B 357 -5.83 -7.42 -7.61
CA TYR B 357 -4.50 -6.80 -7.50
C TYR B 357 -3.98 -6.40 -8.88
N PRO B 358 -4.61 -5.41 -9.52
CA PRO B 358 -4.30 -5.06 -10.91
C PRO B 358 -3.16 -4.05 -11.09
N LEU B 359 -2.75 -3.38 -10.02
CA LEU B 359 -1.81 -2.27 -10.16
C LEU B 359 -0.43 -2.55 -9.59
N LEU B 360 0.42 -1.52 -9.57
CA LEU B 360 1.81 -1.65 -9.16
C LEU B 360 2.02 -1.46 -7.66
N PHE B 361 1.04 -0.85 -7.00
CA PHE B 361 1.12 -0.64 -5.56
C PHE B 361 -0.03 -1.37 -4.85
N ASP B 362 0.23 -1.84 -3.64
CA ASP B 362 -0.78 -2.57 -2.88
C ASP B 362 -1.70 -1.65 -2.09
N ARG B 363 -2.56 -2.26 -1.28
CA ARG B 363 -3.57 -1.52 -0.51
C ARG B 363 -2.98 -0.65 0.61
N ASN B 364 -1.67 -0.81 0.84
CA ASN B 364 -0.96 0.02 1.80
C ASN B 364 -0.11 1.06 1.08
N GLN B 365 -0.38 1.26 -0.20
CA GLN B 365 0.37 2.18 -1.05
C GLN B 365 1.86 1.85 -1.06
N LYS B 366 2.17 0.56 -1.11
CA LYS B 366 3.56 0.12 -1.17
C LYS B 366 3.82 -0.65 -2.45
N PRO B 367 5.01 -0.43 -3.05
CA PRO B 367 5.38 -1.03 -4.33
C PRO B 367 5.36 -2.56 -4.31
N LYS B 368 4.74 -3.14 -5.33
CA LYS B 368 4.64 -4.59 -5.47
C LYS B 368 5.82 -5.10 -6.29
N PRO B 369 6.08 -6.42 -6.25
CA PRO B 369 7.15 -7.02 -7.05
C PRO B 369 7.11 -6.64 -8.53
N ALA B 370 5.91 -6.38 -9.05
CA ALA B 370 5.76 -5.97 -10.44
C ALA B 370 6.41 -4.60 -10.68
N TYR B 371 6.29 -3.72 -9.69
CA TYR B 371 6.88 -2.38 -9.77
C TYR B 371 8.40 -2.47 -9.89
N PHE B 372 9.02 -3.26 -9.02
CA PHE B 372 10.47 -3.43 -9.02
C PHE B 372 10.95 -4.14 -10.28
N ARG B 373 10.10 -5.01 -10.83
CA ARG B 373 10.44 -5.74 -12.03
C ARG B 373 10.58 -4.77 -13.22
N LEU B 374 9.73 -3.75 -13.25
CA LEU B 374 9.76 -2.76 -14.31
C LEU B 374 10.99 -1.86 -14.18
N LEU B 375 11.45 -1.66 -12.95
CA LEU B 375 12.63 -0.85 -12.71
C LEU B 375 13.89 -1.58 -13.18
N ASP B 376 13.93 -2.89 -12.97
CA ASP B 376 15.10 -3.69 -13.30
C ASP B 376 15.29 -3.85 -14.81
N LEU B 377 14.29 -3.43 -15.58
CA LEU B 377 14.39 -3.43 -17.04
C LEU B 377 15.24 -2.25 -17.51
N LYS B 378 15.39 -1.27 -16.63
CA LYS B 378 16.18 -0.08 -16.96
C LYS B 378 17.39 0.06 -16.05
#